data_6BPP
#
_entry.id   6BPP
#
_cell.length_a   256.286
_cell.length_b   89.786
_cell.length_c   72.509
_cell.angle_alpha   90.00
_cell.angle_beta   91.29
_cell.angle_gamma   90.00
#
_symmetry.space_group_name_H-M   'C 1 2 1'
#
loop_
_entity.id
_entity.type
_entity.pdbx_description
1 polymer 'Lipid A export ATP-binding/permease protein MsbA'
2 branched 'alpha-D-glucopyranose-(1-3)-[alpha-D-glucopyranose-(1-6)]alpha-D-glucopyranose-(1-3)-[L-glycero-alpha-D-manno-heptopyranose-(1-7)]L-glycero-alpha-D-manno-heptopyranose-(1-3)-L-glycero-alpha-D-manno-heptopyranose-(1-5)-[3-deoxy-alpha-D-manno-oct-2-ulopyranosonic acid-(2-4)]3-deoxy-alpha-D-manno-oct-2-ulopyranosonic acid-(2-6)-2-amino-2-deoxy-beta-D-glucopyranose-(1-6)-2-amino-2-deoxy-alpha-D-glucopyranose'
3 non-polymer '(2E)-3-{6-[(1S)-1-(3-amino-2,6-dichlorophenyl)ethoxy]-4-cyclopropylquinolin-3-yl}prop-2-enoic acid'
4 non-polymer '3-HYDROXY-TETRADECANOIC ACID'
5 non-polymer 'LAURIC ACID'
6 non-polymer 1,2-Distearoyl-sn-glycerophosphoethanolamine
7 non-polymer 'PHOSPHATE ION'
8 non-polymer 'MYRISTIC ACID'
#
_entity_poly.entity_id   1
_entity_poly.type   'polypeptide(L)'
_entity_poly.pdbx_seq_one_letter_code
;SHNDKDLSTWQTFRRLWPTIAPFKAGLIVAGVALILNAASDTFMLSLLKPLLDDGFGKTDRSVLVWMPLVVIGLMILRGI
TSYVSSYCISWVSGKVVMTMRRRLFGHMMGMPVSFFDKQSTGTLLSRITYDSEQVASSSSGALITVVREGASIIGLFIMM
FYYSWQLSIILIVLAPIVSIAIRVVSKRFRNISKNMQNTMGQVTTSAEQMLKGHKEVLIFGGQEVETKRFDKVSNRMRLQ
GMKMVSASSISDPIIQLIASLALAFVLYAASFPSVMDSLTAGTITVVFSSMIALMRPLKSLTNVNAQFQRGMAACQTLFT
ILDSEQEKDEGKRVIERATGDVEFRNVTFTYPGRDVPALRNINLKIPAGKTVALVGRSGSGKSTIASLITRFYDIDEGEI
LMDGHDLREYTLASLRNQVALVSQNVHLFNDTVANNIAYARTEQYSREQIEEAARMAYAMDFINKMDNGLDTVIGENGVL
LSGGQRQRIAIARALLRDSPILILDEATSALDTESERAIQAALDELQKNRTSLVIAHRLSTIEKADEIVVVEDGVIVERG
THNDLLEHRGVYAQLHKMQFGQ
;
_entity_poly.pdbx_strand_id   A,B
#
# COMPACT_ATOMS: atom_id res chain seq x y z
N ASP A 4 3.45 -29.19 14.05
CA ASP A 4 2.31 -28.81 13.22
C ASP A 4 2.76 -27.87 12.10
N LYS A 5 3.32 -26.72 12.47
CA LYS A 5 3.77 -25.76 11.47
C LYS A 5 4.98 -26.28 10.69
N ASP A 6 5.79 -27.12 11.33
CA ASP A 6 6.81 -27.88 10.60
C ASP A 6 6.18 -28.53 9.37
N LEU A 7 5.09 -29.27 9.58
CA LEU A 7 4.41 -29.95 8.49
C LEU A 7 3.78 -28.95 7.53
N SER A 8 3.10 -27.95 8.06
CA SER A 8 2.43 -26.97 7.20
C SER A 8 3.41 -26.29 6.27
N THR A 9 4.56 -25.86 6.80
CA THR A 9 5.53 -25.14 5.98
C THR A 9 6.22 -26.04 4.97
N TRP A 10 6.46 -27.31 5.33
CA TRP A 10 7.16 -28.19 4.40
C TRP A 10 6.24 -28.76 3.32
N GLN A 11 4.94 -28.83 3.59
CA GLN A 11 4.02 -29.01 2.47
C GLN A 11 4.00 -27.77 1.59
N THR A 12 3.99 -26.58 2.20
CA THR A 12 4.05 -25.35 1.42
C THR A 12 5.32 -25.30 0.58
N PHE A 13 6.47 -25.65 1.17
CA PHE A 13 7.72 -25.58 0.44
C PHE A 13 7.74 -26.58 -0.71
N ARG A 14 7.26 -27.80 -0.49
CA ARG A 14 7.24 -28.77 -1.58
C ARG A 14 6.40 -28.25 -2.74
N ARG A 15 5.26 -27.62 -2.43
CA ARG A 15 4.47 -26.96 -3.47
C ARG A 15 5.33 -25.95 -4.22
N LEU A 16 6.13 -25.17 -3.50
CA LEU A 16 6.89 -24.11 -4.14
C LEU A 16 8.02 -24.66 -5.00
N TRP A 17 8.65 -25.75 -4.55
CA TRP A 17 9.87 -26.24 -5.17
C TRP A 17 9.82 -26.30 -6.70
N PRO A 18 8.80 -26.92 -7.31
CA PRO A 18 8.77 -27.01 -8.78
C PRO A 18 9.10 -25.70 -9.49
N THR A 19 8.71 -24.57 -8.89
CA THR A 19 9.08 -23.27 -9.45
C THR A 19 10.57 -23.02 -9.34
N ILE A 20 11.21 -23.55 -8.31
CA ILE A 20 12.61 -23.25 -8.02
C ILE A 20 13.56 -24.19 -8.75
N ALA A 21 13.16 -25.45 -8.96
CA ALA A 21 14.10 -26.43 -9.49
C ALA A 21 14.74 -26.05 -10.82
N PRO A 22 14.07 -25.36 -11.74
CA PRO A 22 14.73 -25.03 -13.02
C PRO A 22 15.93 -24.11 -12.86
N PHE A 23 16.08 -23.44 -11.71
CA PHE A 23 17.26 -22.64 -11.42
C PHE A 23 18.17 -23.33 -10.41
N LYS A 24 17.98 -24.62 -10.19
CA LYS A 24 18.75 -25.38 -9.21
C LYS A 24 20.25 -25.14 -9.33
N ALA A 25 20.75 -24.92 -10.55
CA ALA A 25 22.17 -24.68 -10.73
C ALA A 25 22.63 -23.45 -9.95
N GLY A 26 21.84 -22.37 -10.00
CA GLY A 26 22.20 -21.17 -9.24
C GLY A 26 22.33 -21.47 -7.76
N LEU A 27 21.38 -22.20 -7.19
CA LEU A 27 21.44 -22.56 -5.78
C LEU A 27 22.67 -23.40 -5.49
N ILE A 28 22.93 -24.41 -6.32
CA ILE A 28 24.10 -25.27 -6.13
C ILE A 28 25.36 -24.42 -5.97
N VAL A 29 25.68 -23.62 -6.99
CA VAL A 29 26.93 -22.87 -6.98
C VAL A 29 27.00 -21.95 -5.76
N ALA A 30 25.90 -21.26 -5.45
CA ALA A 30 25.89 -20.37 -4.29
C ALA A 30 26.26 -21.11 -3.03
N GLY A 31 25.68 -22.28 -2.81
CA GLY A 31 26.00 -23.06 -1.62
C GLY A 31 27.47 -23.42 -1.54
N VAL A 32 28.05 -23.83 -2.67
CA VAL A 32 29.48 -24.16 -2.72
C VAL A 32 30.30 -22.93 -2.34
N ALA A 33 30.03 -21.80 -2.99
CA ALA A 33 30.76 -20.58 -2.66
C ALA A 33 30.62 -20.24 -1.18
N LEU A 34 29.43 -20.44 -0.62
CA LEU A 34 29.22 -20.14 0.80
C LEU A 34 30.09 -21.01 1.67
N ILE A 35 30.21 -22.31 1.37
CA ILE A 35 31.10 -23.18 2.12
C ILE A 35 32.50 -22.58 2.15
N LEU A 36 33.05 -22.31 0.96
CA LEU A 36 34.37 -21.71 0.88
C LEU A 36 34.46 -20.42 1.68
N ASN A 37 33.41 -19.58 1.59
CA ASN A 37 33.37 -18.36 2.39
C ASN A 37 33.56 -18.68 3.86
N ALA A 38 32.83 -19.67 4.38
CA ALA A 38 33.00 -20.08 5.76
C ALA A 38 34.40 -20.63 6.00
N ALA A 39 34.89 -21.44 5.06
CA ALA A 39 36.23 -22.01 5.20
C ALA A 39 37.30 -20.92 5.31
N SER A 40 37.14 -19.86 4.52
CA SER A 40 38.07 -18.73 4.60
C SER A 40 38.23 -18.25 6.03
N ASP A 41 37.11 -17.99 6.71
CA ASP A 41 37.15 -17.50 8.08
C ASP A 41 37.86 -18.49 9.00
N THR A 42 37.52 -19.77 8.87
CA THR A 42 38.18 -20.79 9.67
C THR A 42 39.69 -20.73 9.49
N PHE A 43 40.15 -20.64 8.24
CA PHE A 43 41.59 -20.70 7.97
C PHE A 43 42.31 -19.46 8.47
N MET A 44 41.64 -18.32 8.54
CA MET A 44 42.31 -17.13 9.07
C MET A 44 42.52 -17.26 10.58
N LEU A 45 41.62 -17.95 11.27
CA LEU A 45 41.85 -18.26 12.67
C LEU A 45 42.93 -19.32 12.84
N SER A 46 43.03 -20.27 11.91
CA SER A 46 44.13 -21.23 11.96
C SER A 46 45.47 -20.52 11.88
N LEU A 47 45.55 -19.44 11.08
CA LEU A 47 46.77 -18.65 11.01
C LEU A 47 47.12 -18.05 12.37
N LEU A 48 46.10 -17.78 13.18
CA LEU A 48 46.33 -17.14 14.47
C LEU A 48 47.27 -17.96 15.36
N LYS A 49 47.31 -19.29 15.18
CA LYS A 49 48.24 -20.09 15.98
C LYS A 49 49.68 -19.90 15.54
N PRO A 50 50.07 -20.28 14.31
CA PRO A 50 51.47 -20.05 13.92
C PRO A 50 51.96 -18.63 14.12
N LEU A 51 51.07 -17.64 14.02
CA LEU A 51 51.50 -16.26 14.29
C LEU A 51 52.06 -16.15 15.72
N LEU A 52 51.39 -16.76 16.69
CA LEU A 52 51.75 -16.56 18.09
C LEU A 52 52.68 -17.62 18.65
N ASP A 53 52.83 -18.77 17.99
CA ASP A 53 53.79 -19.78 18.42
C ASP A 53 55.06 -19.73 17.58
N ASP A 54 54.96 -20.01 16.28
CA ASP A 54 56.13 -19.96 15.41
C ASP A 54 56.57 -18.52 15.14
N GLY A 55 55.63 -17.58 15.10
CA GLY A 55 56.02 -16.18 14.98
C GLY A 55 56.67 -15.64 16.23
N PHE A 56 56.31 -16.17 17.39
CA PHE A 56 56.93 -15.79 18.66
C PHE A 56 57.86 -16.87 19.20
N GLY A 57 58.34 -17.76 18.32
CA GLY A 57 59.52 -18.55 18.59
C GLY A 57 60.66 -18.06 17.73
N LYS A 58 60.69 -16.74 17.48
CA LYS A 58 61.77 -16.09 16.74
C LYS A 58 61.95 -16.68 15.34
N THR A 59 60.84 -16.97 14.65
CA THR A 59 60.86 -17.28 13.23
C THR A 59 60.25 -16.09 12.49
N ASP A 60 61.12 -15.23 11.96
CA ASP A 60 60.64 -14.03 11.28
C ASP A 60 59.97 -14.36 9.94
N ARG A 61 60.31 -15.49 9.34
CA ARG A 61 59.73 -15.85 8.04
C ARG A 61 58.21 -15.89 8.11
N SER A 62 57.66 -16.56 9.14
CA SER A 62 56.21 -16.78 9.19
C SER A 62 55.47 -15.45 9.16
N VAL A 63 55.73 -14.58 10.14
CA VAL A 63 55.09 -13.26 10.15
C VAL A 63 55.27 -12.57 8.81
N LEU A 64 56.52 -12.49 8.35
CA LEU A 64 56.87 -11.63 7.23
C LEU A 64 56.42 -12.23 5.90
N VAL A 65 57.22 -13.14 5.36
CA VAL A 65 57.12 -13.53 3.96
C VAL A 65 55.71 -13.96 3.59
N TRP A 66 55.05 -14.77 4.43
CA TRP A 66 53.78 -15.36 4.01
C TRP A 66 52.57 -15.12 4.91
N MET A 67 52.71 -14.53 6.10
CA MET A 67 51.47 -14.27 6.84
C MET A 67 50.65 -13.19 6.14
N PRO A 68 51.22 -12.04 5.75
CA PRO A 68 50.44 -11.11 4.91
C PRO A 68 49.88 -11.73 3.65
N LEU A 69 50.69 -12.48 2.90
CA LEU A 69 50.24 -12.96 1.59
C LEU A 69 49.08 -13.94 1.71
N VAL A 70 49.16 -14.86 2.67
CA VAL A 70 48.07 -15.82 2.84
C VAL A 70 46.79 -15.11 3.23
N VAL A 71 46.89 -14.15 4.16
CA VAL A 71 45.70 -13.40 4.58
C VAL A 71 45.03 -12.75 3.37
N ILE A 72 45.79 -11.92 2.65
CA ILE A 72 45.24 -11.24 1.47
C ILE A 72 44.56 -12.26 0.56
N GLY A 73 45.28 -13.31 0.20
CA GLY A 73 44.72 -14.33 -0.68
C GLY A 73 43.35 -14.81 -0.22
N LEU A 74 43.23 -15.18 1.06
CA LEU A 74 41.94 -15.64 1.56
C LEU A 74 40.89 -14.55 1.51
N MET A 75 41.26 -13.30 1.82
CA MET A 75 40.30 -12.21 1.74
C MET A 75 39.85 -12.00 0.30
N ILE A 76 40.75 -12.19 -0.66
CA ILE A 76 40.33 -12.26 -2.06
C ILE A 76 39.27 -13.33 -2.22
N LEU A 77 39.62 -14.57 -1.89
CA LEU A 77 38.68 -15.68 -2.00
C LEU A 77 37.38 -15.35 -1.30
N ARG A 78 37.46 -14.92 -0.05
CA ARG A 78 36.26 -14.54 0.69
C ARG A 78 35.41 -13.56 -0.11
N GLY A 79 36.03 -12.48 -0.58
CA GLY A 79 35.29 -11.50 -1.38
C GLY A 79 34.62 -12.12 -2.58
N ILE A 80 35.39 -12.89 -3.36
CA ILE A 80 34.83 -13.55 -4.54
C ILE A 80 33.66 -14.44 -4.14
N THR A 81 33.93 -15.40 -3.25
CA THR A 81 32.87 -16.31 -2.80
C THR A 81 31.64 -15.53 -2.36
N SER A 82 31.85 -14.41 -1.67
CA SER A 82 30.74 -13.57 -1.23
C SER A 82 29.95 -13.06 -2.42
N TYR A 83 30.63 -12.40 -3.35
CA TYR A 83 29.96 -11.86 -4.53
C TYR A 83 29.18 -12.94 -5.28
N VAL A 84 29.84 -14.04 -5.63
CA VAL A 84 29.20 -15.10 -6.40
C VAL A 84 27.92 -15.56 -5.71
N SER A 85 28.03 -15.96 -4.45
CA SER A 85 26.87 -16.49 -3.74
C SER A 85 25.73 -15.49 -3.74
N SER A 86 26.03 -14.22 -3.45
CA SER A 86 25.00 -13.19 -3.56
C SER A 86 24.40 -13.16 -4.96
N TYR A 87 25.26 -13.26 -5.97
CA TYR A 87 24.79 -13.18 -7.36
C TYR A 87 23.79 -14.27 -7.66
N CYS A 88 24.16 -15.53 -7.42
CA CYS A 88 23.26 -16.63 -7.74
C CYS A 88 21.95 -16.51 -6.97
N ILE A 89 22.01 -16.20 -5.67
CA ILE A 89 20.79 -16.07 -4.89
C ILE A 89 19.89 -14.99 -5.49
N SER A 90 20.41 -13.78 -5.63
CA SER A 90 19.62 -12.69 -6.20
C SER A 90 19.03 -13.12 -7.53
N TRP A 91 19.82 -13.81 -8.36
CA TRP A 91 19.33 -14.29 -9.64
C TRP A 91 18.15 -15.23 -9.44
N VAL A 92 18.33 -16.28 -8.64
CA VAL A 92 17.25 -17.24 -8.40
C VAL A 92 16.05 -16.55 -7.79
N SER A 93 16.27 -15.72 -6.77
CA SER A 93 15.18 -14.98 -6.15
C SER A 93 14.39 -14.20 -7.19
N GLY A 94 15.09 -13.40 -8.00
CA GLY A 94 14.41 -12.56 -8.98
C GLY A 94 13.38 -13.32 -9.80
N LYS A 95 13.80 -14.43 -10.41
CA LYS A 95 12.92 -15.16 -11.32
C LYS A 95 11.79 -15.85 -10.56
N VAL A 96 12.12 -16.56 -9.47
CA VAL A 96 11.08 -17.19 -8.67
C VAL A 96 10.01 -16.17 -8.33
N VAL A 97 10.42 -14.99 -7.86
CA VAL A 97 9.47 -13.92 -7.59
C VAL A 97 8.69 -13.58 -8.85
N MET A 98 9.41 -13.33 -9.95
CA MET A 98 8.75 -12.93 -11.19
C MET A 98 7.76 -13.98 -11.65
N THR A 99 8.15 -15.25 -11.64
CA THR A 99 7.26 -16.31 -12.08
C THR A 99 6.01 -16.37 -11.21
N MET A 100 6.17 -16.21 -9.90
CA MET A 100 5.03 -16.19 -8.99
C MET A 100 4.08 -15.05 -9.34
N ARG A 101 4.63 -13.86 -9.59
CA ARG A 101 3.79 -12.72 -9.93
C ARG A 101 3.02 -12.98 -11.22
N ARG A 102 3.69 -13.56 -12.22
CA ARG A 102 3.00 -13.90 -13.47
C ARG A 102 1.84 -14.84 -13.21
N ARG A 103 2.07 -15.88 -12.40
CA ARG A 103 0.99 -16.82 -12.09
C ARG A 103 -0.18 -16.11 -11.43
N LEU A 104 0.10 -15.33 -10.40
CA LEU A 104 -0.96 -14.58 -9.72
C LEU A 104 -1.67 -13.65 -10.70
N PHE A 105 -0.91 -12.86 -11.45
CA PHE A 105 -1.51 -11.99 -12.45
C PHE A 105 -2.41 -12.78 -13.37
N GLY A 106 -1.86 -13.82 -14.00
CA GLY A 106 -2.65 -14.66 -14.88
C GLY A 106 -3.86 -15.28 -14.20
N HIS A 107 -3.74 -15.57 -12.91
CA HIS A 107 -4.85 -16.21 -12.20
C HIS A 107 -5.95 -15.20 -11.88
N MET A 108 -5.59 -14.02 -11.39
CA MET A 108 -6.60 -13.02 -11.07
C MET A 108 -7.36 -12.60 -12.31
N MET A 109 -6.69 -12.58 -13.46
CA MET A 109 -7.36 -12.24 -14.72
C MET A 109 -8.57 -13.13 -14.96
N GLY A 110 -8.44 -14.42 -14.66
CA GLY A 110 -9.52 -15.37 -14.89
C GLY A 110 -10.46 -15.55 -13.72
N MET A 111 -10.44 -14.67 -12.73
CA MET A 111 -11.34 -14.82 -11.60
C MET A 111 -12.73 -14.26 -11.91
N PRO A 112 -13.75 -14.65 -11.14
CA PRO A 112 -15.08 -14.11 -11.35
C PRO A 112 -15.18 -12.62 -11.09
N VAL A 113 -16.22 -12.02 -11.66
CA VAL A 113 -16.47 -10.59 -11.50
C VAL A 113 -16.91 -10.27 -10.08
N SER A 114 -17.69 -11.14 -9.45
CA SER A 114 -18.13 -10.91 -8.08
C SER A 114 -16.94 -10.78 -7.14
N PHE A 115 -15.99 -11.70 -7.28
CA PHE A 115 -14.73 -11.66 -6.54
C PHE A 115 -14.07 -10.28 -6.63
N PHE A 116 -13.98 -9.72 -7.84
CA PHE A 116 -13.32 -8.43 -8.03
C PHE A 116 -14.10 -7.30 -7.35
N ASP A 117 -15.40 -7.22 -7.60
CA ASP A 117 -16.22 -6.19 -6.97
C ASP A 117 -16.03 -6.17 -5.46
N LYS A 118 -15.95 -7.34 -4.85
CA LYS A 118 -15.98 -7.45 -3.40
C LYS A 118 -14.69 -6.92 -2.77
N GLN A 119 -13.54 -7.23 -3.36
CA GLN A 119 -12.25 -6.92 -2.78
C GLN A 119 -11.65 -5.73 -3.50
N SER A 120 -11.35 -4.66 -2.75
CA SER A 120 -10.64 -3.53 -3.32
C SER A 120 -9.24 -3.99 -3.68
N THR A 121 -8.91 -3.86 -4.97
CA THR A 121 -7.72 -4.47 -5.53
C THR A 121 -6.43 -3.99 -4.86
N GLY A 122 -6.49 -2.93 -4.07
CA GLY A 122 -5.33 -2.53 -3.29
C GLY A 122 -4.77 -3.69 -2.48
N THR A 123 -5.62 -4.40 -1.75
CA THR A 123 -5.17 -5.55 -0.98
C THR A 123 -4.52 -6.59 -1.89
N LEU A 124 -5.23 -6.98 -2.96
CA LEU A 124 -4.66 -7.90 -3.94
C LEU A 124 -3.32 -7.41 -4.44
N LEU A 125 -3.33 -6.24 -5.05
CA LEU A 125 -2.11 -5.61 -5.54
C LEU A 125 -1.03 -5.59 -4.47
N SER A 126 -1.33 -4.98 -3.32
CA SER A 126 -0.38 -4.95 -2.22
C SER A 126 0.16 -6.34 -1.91
N ARG A 127 -0.75 -7.32 -1.80
CA ARG A 127 -0.34 -8.67 -1.43
C ARG A 127 0.67 -9.23 -2.42
N ILE A 128 0.38 -9.17 -3.72
CA ILE A 128 1.17 -9.93 -4.68
C ILE A 128 2.59 -9.36 -4.80
N THR A 129 2.72 -8.03 -4.89
CA THR A 129 4.05 -7.44 -4.93
C THR A 129 4.81 -7.71 -3.63
N TYR A 130 4.23 -7.29 -2.51
CA TYR A 130 4.93 -7.37 -1.23
C TYR A 130 5.17 -8.81 -0.81
N ASP A 131 4.14 -9.67 -0.88
CA ASP A 131 4.26 -11.01 -0.33
C ASP A 131 5.10 -11.93 -1.20
N SER A 132 5.14 -11.70 -2.52
CA SER A 132 5.95 -12.56 -3.37
C SER A 132 7.43 -12.23 -3.25
N GLU A 133 7.77 -10.99 -2.92
CA GLU A 133 9.15 -10.65 -2.57
C GLU A 133 9.50 -11.23 -1.20
N GLN A 134 8.60 -11.11 -0.23
CA GLN A 134 8.90 -11.52 1.14
C GLN A 134 9.11 -13.03 1.24
N VAL A 135 8.50 -13.82 0.36
CA VAL A 135 8.76 -15.26 0.42
C VAL A 135 10.14 -15.58 -0.14
N ALA A 136 10.60 -14.85 -1.16
CA ALA A 136 11.93 -15.09 -1.70
C ALA A 136 13.00 -14.59 -0.74
N SER A 137 12.81 -13.39 -0.17
CA SER A 137 13.79 -12.83 0.74
C SER A 137 14.01 -13.74 1.94
N SER A 138 12.92 -14.17 2.59
CA SER A 138 13.03 -15.00 3.77
C SER A 138 13.63 -16.36 3.44
N SER A 139 13.21 -16.96 2.33
CA SER A 139 13.75 -18.27 1.98
C SER A 139 15.22 -18.17 1.58
N SER A 140 15.61 -17.08 0.92
CA SER A 140 17.01 -16.87 0.59
C SER A 140 17.86 -16.79 1.85
N GLY A 141 17.44 -15.93 2.80
CA GLY A 141 18.21 -15.77 4.03
C GLY A 141 18.30 -17.06 4.82
N ALA A 142 17.22 -17.83 4.85
CA ALA A 142 17.23 -19.11 5.55
C ALA A 142 18.26 -20.06 4.96
N LEU A 143 18.21 -20.23 3.63
CA LEU A 143 19.21 -21.08 2.97
C LEU A 143 20.61 -20.59 3.27
N ILE A 144 20.87 -19.29 3.02
CA ILE A 144 22.22 -18.74 3.18
C ILE A 144 22.78 -19.10 4.55
N THR A 145 22.07 -18.71 5.61
CA THR A 145 22.58 -18.91 6.96
C THR A 145 22.82 -20.39 7.24
N VAL A 146 21.90 -21.26 6.83
CA VAL A 146 22.08 -22.70 7.04
C VAL A 146 23.43 -23.14 6.49
N VAL A 147 23.64 -22.94 5.18
CA VAL A 147 24.87 -23.44 4.55
C VAL A 147 26.08 -22.73 5.13
N ARG A 148 26.09 -21.40 5.09
CA ARG A 148 27.28 -20.67 5.52
C ARG A 148 27.52 -20.87 7.01
N GLU A 149 26.50 -20.62 7.84
CA GLU A 149 26.67 -20.77 9.28
C GLU A 149 26.83 -22.24 9.66
N GLY A 150 26.19 -23.14 8.93
CA GLY A 150 26.40 -24.56 9.17
C GLY A 150 27.82 -24.99 8.83
N ALA A 151 28.33 -24.56 7.67
CA ALA A 151 29.70 -24.87 7.29
C ALA A 151 30.69 -24.36 8.35
N SER A 152 30.52 -23.11 8.78
CA SER A 152 31.50 -22.52 9.68
C SER A 152 31.49 -23.20 11.05
N ILE A 153 30.31 -23.51 11.60
CA ILE A 153 30.30 -24.07 12.94
C ILE A 153 30.92 -25.46 12.95
N ILE A 154 30.70 -26.25 11.89
CA ILE A 154 31.39 -27.53 11.78
C ILE A 154 32.90 -27.30 11.71
N GLY A 155 33.34 -26.51 10.73
CA GLY A 155 34.75 -26.22 10.61
C GLY A 155 35.36 -25.69 11.89
N LEU A 156 34.65 -24.80 12.57
CA LEU A 156 35.15 -24.26 13.83
C LEU A 156 35.17 -25.31 14.93
N PHE A 157 34.12 -26.14 15.01
CA PHE A 157 34.10 -27.16 16.05
C PHE A 157 35.19 -28.20 15.84
N ILE A 158 35.44 -28.59 14.59
CA ILE A 158 36.52 -29.54 14.31
C ILE A 158 37.86 -28.95 14.73
N MET A 159 38.10 -27.70 14.34
CA MET A 159 39.35 -27.03 14.72
C MET A 159 39.54 -27.08 16.23
N MET A 160 38.48 -26.77 16.97
CA MET A 160 38.57 -26.78 18.43
C MET A 160 38.97 -28.14 18.97
N PHE A 161 38.61 -29.22 18.27
CA PHE A 161 38.97 -30.55 18.75
C PHE A 161 40.41 -30.89 18.42
N TYR A 162 40.83 -30.56 17.20
CA TYR A 162 42.21 -30.82 16.80
C TYR A 162 43.18 -30.19 17.80
N TYR A 163 43.03 -28.90 18.07
CA TYR A 163 43.74 -28.24 19.18
C TYR A 163 42.87 -28.32 20.43
N SER A 164 43.35 -29.03 21.45
CA SER A 164 42.69 -29.03 22.75
C SER A 164 41.26 -29.55 22.66
N TRP A 165 41.12 -30.87 22.56
CA TRP A 165 39.79 -31.49 22.60
C TRP A 165 39.13 -31.40 23.97
N GLN A 166 39.90 -31.16 25.03
CA GLN A 166 39.32 -31.12 26.38
C GLN A 166 38.36 -29.96 26.51
N LEU A 167 38.78 -28.77 26.11
CA LEU A 167 37.92 -27.59 26.21
C LEU A 167 36.67 -27.75 25.36
N SER A 168 36.81 -28.31 24.16
CA SER A 168 35.68 -28.41 23.25
C SER A 168 34.50 -29.13 23.90
N ILE A 169 34.78 -30.24 24.60
CA ILE A 169 33.70 -31.03 25.17
C ILE A 169 33.03 -30.32 26.34
N ILE A 170 33.77 -29.51 27.10
CA ILE A 170 33.12 -28.75 28.17
C ILE A 170 32.03 -27.87 27.60
N LEU A 171 32.27 -27.32 26.41
CA LEU A 171 31.28 -26.47 25.78
C LEU A 171 30.08 -27.27 25.31
N ILE A 172 30.32 -28.50 24.82
CA ILE A 172 29.21 -29.35 24.37
C ILE A 172 28.20 -29.51 25.50
N VAL A 173 28.61 -30.14 26.60
CA VAL A 173 27.64 -30.48 27.65
C VAL A 173 26.92 -29.22 28.12
N LEU A 174 27.65 -28.09 28.16
CA LEU A 174 27.01 -26.83 28.49
C LEU A 174 26.03 -26.41 27.40
N ALA A 175 26.32 -26.74 26.15
CA ALA A 175 25.49 -26.26 25.04
C ALA A 175 24.01 -26.54 25.24
N PRO A 176 23.56 -27.77 25.53
CA PRO A 176 22.12 -27.95 25.76
C PRO A 176 21.51 -27.06 26.85
N ILE A 177 22.06 -27.04 28.08
CA ILE A 177 21.41 -26.21 29.10
C ILE A 177 21.41 -24.75 28.65
N VAL A 178 22.47 -24.32 27.96
CA VAL A 178 22.49 -22.97 27.41
C VAL A 178 21.37 -22.78 26.41
N SER A 179 21.26 -23.70 25.44
CA SER A 179 20.27 -23.55 24.38
C SER A 179 18.87 -23.38 24.96
N ILE A 180 18.51 -24.25 25.91
CA ILE A 180 17.18 -24.16 26.51
C ILE A 180 17.01 -22.82 27.21
N ALA A 181 18.00 -22.41 28.00
CA ALA A 181 17.91 -21.12 28.67
C ALA A 181 17.74 -19.99 27.67
N ILE A 182 18.55 -20.00 26.61
CA ILE A 182 18.42 -18.97 25.57
C ILE A 182 17.04 -19.04 24.93
N ARG A 183 16.61 -20.25 24.56
CA ARG A 183 15.31 -20.42 23.92
C ARG A 183 14.19 -19.91 24.82
N VAL A 184 14.23 -20.27 26.10
CA VAL A 184 13.22 -19.79 27.04
C VAL A 184 13.20 -18.27 27.07
N VAL A 185 14.36 -17.64 27.29
CA VAL A 185 14.43 -16.18 27.31
C VAL A 185 13.78 -15.61 26.05
N SER A 186 14.20 -16.10 24.90
CA SER A 186 13.72 -15.58 23.64
C SER A 186 12.20 -15.68 23.53
N LYS A 187 11.62 -16.79 23.96
CA LYS A 187 10.19 -16.99 23.81
C LYS A 187 9.38 -16.13 24.78
N ARG A 188 9.95 -15.80 25.93
CA ARG A 188 9.27 -14.92 26.87
C ARG A 188 9.10 -13.51 26.31
N PHE A 189 10.16 -12.98 25.70
CA PHE A 189 10.24 -11.55 25.45
C PHE A 189 9.87 -11.14 24.03
N ARG A 190 10.51 -11.72 23.02
CA ARG A 190 10.49 -11.14 21.68
C ARG A 190 9.79 -12.08 20.70
N ASN A 191 8.46 -12.03 20.71
CA ASN A 191 7.67 -12.53 19.59
C ASN A 191 6.42 -11.67 19.52
N ILE A 192 6.62 -10.36 19.37
CA ILE A 192 5.54 -9.39 19.49
C ILE A 192 5.52 -8.41 18.32
N SER A 193 6.09 -8.80 17.18
CA SER A 193 6.04 -7.91 16.03
C SER A 193 4.61 -7.60 15.62
N LYS A 194 3.74 -8.62 15.65
CA LYS A 194 2.35 -8.42 15.26
C LYS A 194 1.63 -7.46 16.20
N ASN A 195 2.02 -7.43 17.47
CA ASN A 195 1.40 -6.53 18.42
C ASN A 195 1.42 -5.09 17.92
N MET A 196 2.58 -4.65 17.43
CA MET A 196 2.69 -3.29 16.90
C MET A 196 1.90 -3.15 15.60
N GLN A 197 1.87 -4.20 14.79
CA GLN A 197 1.14 -4.16 13.53
C GLN A 197 -0.32 -3.78 13.76
N ASN A 198 -0.96 -4.35 14.78
CA ASN A 198 -2.34 -4.02 15.08
C ASN A 198 -2.49 -2.54 15.42
N THR A 199 -1.60 -2.01 16.25
CA THR A 199 -1.71 -0.62 16.66
C THR A 199 -1.31 0.33 15.52
N MET A 200 -0.30 -0.06 14.72
CA MET A 200 0.01 0.74 13.54
C MET A 200 -1.16 0.79 12.58
N GLY A 201 -1.94 -0.29 12.51
CA GLY A 201 -3.16 -0.28 11.71
C GLY A 201 -4.15 0.75 12.21
N GLN A 202 -4.37 0.79 13.51
CA GLN A 202 -5.27 1.79 14.09
C GLN A 202 -4.82 3.20 13.74
N VAL A 203 -3.52 3.47 13.92
CA VAL A 203 -2.96 4.74 13.46
C VAL A 203 -3.35 5.00 12.02
N THR A 204 -2.98 4.06 11.13
CA THR A 204 -3.31 4.20 9.71
C THR A 204 -4.79 4.50 9.52
N THR A 205 -5.65 3.67 10.11
CA THR A 205 -7.08 3.78 9.87
C THR A 205 -7.59 5.17 10.22
N SER A 206 -7.23 5.69 11.40
CA SER A 206 -7.75 7.00 11.81
C SER A 206 -7.21 8.10 10.91
N ALA A 207 -5.92 8.07 10.60
CA ALA A 207 -5.36 9.06 9.68
C ALA A 207 -6.07 9.00 8.34
N GLU A 208 -6.17 7.80 7.75
CA GLU A 208 -6.73 7.67 6.41
C GLU A 208 -8.14 8.22 6.33
N GLN A 209 -8.98 7.93 7.34
CA GLN A 209 -10.39 8.30 7.24
C GLN A 209 -10.60 9.80 7.46
N MET A 210 -9.77 10.46 8.27
CA MET A 210 -9.84 11.92 8.32
C MET A 210 -9.37 12.51 7.01
N LEU A 211 -8.25 12.03 6.49
CA LEU A 211 -7.74 12.51 5.21
C LEU A 211 -8.79 12.33 4.12
N LYS A 212 -9.43 11.16 4.07
CA LYS A 212 -10.40 10.88 3.02
C LYS A 212 -11.74 11.55 3.28
N GLY A 213 -12.26 11.41 4.51
CA GLY A 213 -13.56 11.95 4.84
C GLY A 213 -13.49 13.35 5.44
N HIS A 214 -12.50 14.12 5.00
CA HIS A 214 -12.27 15.45 5.56
C HIS A 214 -13.50 16.34 5.39
N LYS A 215 -14.08 16.35 4.19
CA LYS A 215 -15.25 17.19 3.96
C LYS A 215 -16.37 16.86 4.94
N GLU A 216 -16.61 15.58 5.18
CA GLU A 216 -17.64 15.17 6.13
C GLU A 216 -17.28 15.60 7.55
N VAL A 217 -16.00 15.48 7.92
CA VAL A 217 -15.56 16.00 9.21
C VAL A 217 -15.92 17.48 9.33
N LEU A 218 -15.55 18.27 8.32
CA LEU A 218 -15.81 19.70 8.36
C LEU A 218 -17.30 19.98 8.53
N ILE A 219 -18.13 19.31 7.74
CA ILE A 219 -19.57 19.57 7.78
C ILE A 219 -20.14 19.23 9.16
N PHE A 220 -19.69 18.13 9.76
CA PHE A 220 -20.39 17.54 10.90
C PHE A 220 -19.76 17.83 12.25
N GLY A 221 -18.59 18.45 12.30
CA GLY A 221 -17.95 18.75 13.57
C GLY A 221 -17.07 17.67 14.13
N GLY A 222 -16.48 16.82 13.28
CA GLY A 222 -15.65 15.72 13.74
C GLY A 222 -14.30 16.12 14.29
N GLN A 223 -13.99 17.41 14.38
CA GLN A 223 -12.64 17.83 14.74
C GLN A 223 -12.20 17.23 16.06
N GLU A 224 -12.93 17.52 17.14
CA GLU A 224 -12.54 17.01 18.45
C GLU A 224 -12.53 15.48 18.48
N VAL A 225 -13.62 14.86 18.01
CA VAL A 225 -13.71 13.40 18.07
C VAL A 225 -12.56 12.77 17.30
N GLU A 226 -12.32 13.23 16.08
CA GLU A 226 -11.26 12.61 15.28
C GLU A 226 -9.88 12.91 15.84
N THR A 227 -9.70 14.09 16.43
CA THR A 227 -8.45 14.38 17.11
C THR A 227 -8.30 13.52 18.35
N LYS A 228 -9.36 13.42 19.15
CA LYS A 228 -9.31 12.58 20.35
C LYS A 228 -8.98 11.13 19.99
N ARG A 229 -9.62 10.59 18.95
CA ARG A 229 -9.29 9.23 18.52
C ARG A 229 -7.81 9.12 18.16
N PHE A 230 -7.30 10.07 17.38
CA PHE A 230 -5.90 10.03 17.00
C PHE A 230 -4.98 10.15 18.21
N ASP A 231 -5.39 10.95 19.21
CA ASP A 231 -4.57 11.14 20.40
C ASP A 231 -4.33 9.82 21.12
N LYS A 232 -5.41 9.07 21.38
CA LYS A 232 -5.26 7.75 21.98
C LYS A 232 -4.30 6.89 21.19
N VAL A 233 -4.61 6.67 19.92
CA VAL A 233 -3.96 5.63 19.13
C VAL A 233 -2.48 5.94 18.96
N SER A 234 -2.14 7.21 18.78
CA SER A 234 -0.73 7.59 18.64
C SER A 234 0.04 7.26 19.91
N ASN A 235 -0.55 7.53 21.08
CA ASN A 235 0.10 7.16 22.34
C ASN A 235 0.29 5.65 22.41
N ARG A 236 -0.76 4.89 22.06
CA ARG A 236 -0.65 3.43 22.09
C ARG A 236 0.42 2.94 21.13
N MET A 237 0.43 3.48 19.91
CA MET A 237 1.49 3.13 18.96
C MET A 237 2.86 3.41 19.57
N ARG A 238 3.05 4.62 20.08
CA ARG A 238 4.31 5.00 20.72
C ARG A 238 4.73 3.98 21.77
N LEU A 239 3.85 3.70 22.73
CA LEU A 239 4.16 2.72 23.76
C LEU A 239 4.53 1.38 23.15
N GLN A 240 3.83 0.96 22.10
CA GLN A 240 4.13 -0.32 21.47
C GLN A 240 5.54 -0.35 20.90
N GLY A 241 5.93 0.69 20.17
CA GLY A 241 7.29 0.75 19.66
C GLY A 241 8.32 0.59 20.76
N MET A 242 8.07 1.20 21.91
CA MET A 242 8.93 1.00 23.06
C MET A 242 8.94 -0.47 23.49
N LYS A 243 7.76 -1.08 23.61
CA LYS A 243 7.72 -2.51 23.91
C LYS A 243 8.50 -3.29 22.88
N MET A 244 8.35 -2.93 21.60
CA MET A 244 9.15 -3.56 20.56
C MET A 244 10.63 -3.44 20.87
N VAL A 245 11.11 -2.22 21.13
CA VAL A 245 12.51 -2.00 21.45
C VAL A 245 12.88 -2.77 22.72
N SER A 246 12.11 -2.58 23.78
CA SER A 246 12.41 -3.20 25.08
C SER A 246 12.63 -4.69 24.94
N ALA A 247 11.79 -5.38 24.17
CA ALA A 247 11.92 -6.82 24.01
C ALA A 247 13.33 -7.20 23.58
N SER A 248 13.84 -6.53 22.55
CA SER A 248 15.20 -6.81 22.10
C SER A 248 16.23 -6.41 23.16
N SER A 249 15.98 -5.30 23.87
CA SER A 249 16.94 -4.82 24.85
C SER A 249 17.15 -5.83 25.97
N ILE A 250 16.06 -6.39 26.47
CA ILE A 250 16.15 -7.34 27.58
C ILE A 250 16.72 -8.67 27.11
N SER A 251 16.21 -9.18 25.98
CA SER A 251 16.65 -10.47 25.48
C SER A 251 18.16 -10.53 25.25
N ASP A 252 18.72 -9.48 24.65
CA ASP A 252 20.02 -9.64 23.97
C ASP A 252 21.19 -9.79 24.94
N PRO A 253 21.36 -8.94 25.97
CA PRO A 253 22.49 -9.17 26.87
C PRO A 253 22.27 -10.33 27.82
N ILE A 254 21.04 -10.58 28.26
CA ILE A 254 20.76 -11.78 29.04
C ILE A 254 21.26 -13.00 28.29
N ILE A 255 20.90 -13.10 27.01
CA ILE A 255 21.36 -14.23 26.18
C ILE A 255 22.88 -14.23 26.12
N GLN A 256 23.48 -13.07 25.85
CA GLN A 256 24.94 -13.00 25.81
C GLN A 256 25.55 -13.29 27.16
N LEU A 257 24.90 -12.85 28.24
CA LEU A 257 25.39 -13.18 29.57
C LEU A 257 25.45 -14.69 29.76
N ILE A 258 24.36 -15.39 29.40
CA ILE A 258 24.29 -16.83 29.55
C ILE A 258 25.47 -17.49 28.85
N ALA A 259 25.59 -17.25 27.55
CA ALA A 259 26.70 -17.80 26.78
C ALA A 259 28.04 -17.43 27.42
N SER A 260 28.13 -16.20 27.96
CA SER A 260 29.38 -15.75 28.56
C SER A 260 29.73 -16.57 29.81
N LEU A 261 28.73 -16.97 30.58
CA LEU A 261 28.99 -17.77 31.76
C LEU A 261 29.54 -19.14 31.39
N ALA A 262 28.93 -19.78 30.39
CA ALA A 262 29.50 -21.01 29.85
C ALA A 262 30.96 -20.81 29.48
N LEU A 263 31.25 -19.76 28.71
CA LEU A 263 32.64 -19.47 28.34
C LEU A 263 33.50 -19.28 29.58
N ALA A 264 33.05 -18.45 30.52
CA ALA A 264 33.81 -18.23 31.74
C ALA A 264 34.13 -19.55 32.42
N PHE A 265 33.16 -20.46 32.49
CA PHE A 265 33.42 -21.77 33.09
C PHE A 265 34.48 -22.53 32.30
N VAL A 266 34.42 -22.46 30.96
CA VAL A 266 35.48 -23.08 30.16
C VAL A 266 36.81 -22.45 30.49
N LEU A 267 36.84 -21.12 30.61
CA LEU A 267 38.08 -20.43 30.96
C LEU A 267 38.58 -20.88 32.32
N TYR A 268 37.73 -20.79 33.35
CA TYR A 268 38.10 -21.23 34.68
C TYR A 268 38.71 -22.63 34.65
N ALA A 269 38.08 -23.55 33.91
CA ALA A 269 38.62 -24.90 33.80
C ALA A 269 40.00 -24.91 33.18
N ALA A 270 40.30 -23.93 32.31
CA ALA A 270 41.61 -23.89 31.67
C ALA A 270 42.73 -23.59 32.66
N SER A 271 42.43 -22.97 33.81
CA SER A 271 43.46 -22.73 34.80
C SER A 271 44.09 -24.03 35.28
N PHE A 272 43.29 -25.08 35.38
CA PHE A 272 43.76 -26.29 36.04
C PHE A 272 44.81 -27.00 35.19
N PRO A 273 45.86 -27.56 35.81
CA PRO A 273 46.98 -28.12 35.03
C PRO A 273 46.59 -29.16 33.99
N SER A 274 45.53 -29.94 34.21
CA SER A 274 45.25 -31.08 33.34
C SER A 274 45.11 -30.65 31.89
N VAL A 275 44.35 -29.58 31.64
CA VAL A 275 44.09 -29.15 30.28
C VAL A 275 45.19 -28.22 29.77
N MET A 276 45.58 -27.23 30.57
CA MET A 276 46.46 -26.17 30.05
C MET A 276 47.85 -26.68 29.73
N ASP A 277 48.33 -27.73 30.41
CA ASP A 277 49.69 -28.20 30.17
C ASP A 277 49.96 -28.35 28.68
N SER A 278 49.06 -29.01 27.96
CA SER A 278 49.24 -29.24 26.53
C SER A 278 49.08 -27.98 25.69
N LEU A 279 48.51 -26.91 26.27
CA LEU A 279 48.21 -25.71 25.52
C LEU A 279 49.44 -24.83 25.33
N THR A 280 49.32 -23.91 24.37
CA THR A 280 50.31 -22.89 24.07
C THR A 280 49.58 -21.56 23.91
N ALA A 281 50.36 -20.48 23.77
CA ALA A 281 49.76 -19.18 23.50
C ALA A 281 49.02 -19.18 22.16
N GLY A 282 49.61 -19.83 21.16
CA GLY A 282 48.95 -19.99 19.88
C GLY A 282 47.60 -20.67 20.01
N THR A 283 47.54 -21.85 20.61
CA THR A 283 46.31 -22.63 20.57
C THR A 283 45.29 -22.23 21.63
N ILE A 284 45.68 -21.51 22.69
CA ILE A 284 44.66 -20.92 23.54
C ILE A 284 43.85 -19.89 22.76
N THR A 285 44.55 -19.01 22.03
CA THR A 285 43.87 -17.91 21.35
C THR A 285 42.99 -18.44 20.21
N VAL A 286 43.48 -19.40 19.43
CA VAL A 286 42.68 -19.96 18.34
C VAL A 286 41.41 -20.60 18.91
N VAL A 287 41.55 -21.37 19.98
CA VAL A 287 40.39 -22.08 20.54
C VAL A 287 39.36 -21.09 21.05
N PHE A 288 39.81 -20.10 21.84
CA PHE A 288 38.86 -19.15 22.41
C PHE A 288 38.27 -18.24 21.33
N SER A 289 39.10 -17.75 20.42
CA SER A 289 38.58 -16.95 19.32
C SER A 289 37.49 -17.70 18.57
N SER A 290 37.71 -19.00 18.35
CA SER A 290 36.72 -19.80 17.63
C SER A 290 35.40 -19.88 18.41
N MET A 291 35.49 -20.05 19.73
CA MET A 291 34.27 -20.03 20.55
C MET A 291 33.54 -18.72 20.37
N ILE A 292 34.27 -17.61 20.36
CA ILE A 292 33.64 -16.30 20.16
C ILE A 292 33.07 -16.20 18.75
N ALA A 293 33.75 -16.78 17.76
CA ALA A 293 33.21 -16.82 16.41
C ALA A 293 31.86 -17.51 16.38
N LEU A 294 31.75 -18.66 17.05
CA LEU A 294 30.56 -19.49 16.96
C LEU A 294 29.29 -18.73 17.31
N MET A 295 29.37 -17.74 18.20
CA MET A 295 28.16 -17.10 18.71
C MET A 295 27.31 -16.55 17.59
N ARG A 296 27.93 -15.91 16.59
CA ARG A 296 27.16 -15.36 15.47
C ARG A 296 26.42 -16.44 14.70
N PRO A 297 27.08 -17.46 14.16
CA PRO A 297 26.33 -18.51 13.47
C PRO A 297 25.21 -19.14 14.28
N LEU A 298 25.46 -19.49 15.55
CA LEU A 298 24.42 -20.15 16.33
C LEU A 298 23.19 -19.28 16.48
N LYS A 299 23.38 -17.98 16.66
CA LYS A 299 22.26 -17.05 16.71
C LYS A 299 21.44 -17.13 15.43
N SER A 300 22.10 -17.04 14.28
CA SER A 300 21.39 -17.05 13.00
C SER A 300 20.55 -18.30 12.86
N LEU A 301 21.14 -19.47 13.15
CA LEU A 301 20.48 -20.73 12.85
C LEU A 301 19.16 -20.87 13.62
N THR A 302 19.19 -20.63 14.93
CA THR A 302 17.96 -20.74 15.71
C THR A 302 16.89 -19.80 15.19
N ASN A 303 17.28 -18.64 14.67
CA ASN A 303 16.33 -17.66 14.15
C ASN A 303 15.82 -17.97 12.75
N VAL A 304 16.38 -18.96 12.06
CA VAL A 304 15.95 -19.21 10.68
C VAL A 304 14.56 -19.83 10.65
N ASN A 305 14.29 -20.80 11.51
CA ASN A 305 13.00 -21.47 11.44
C ASN A 305 11.86 -20.46 11.61
N ALA A 306 12.06 -19.42 12.42
CA ALA A 306 11.13 -18.30 12.41
C ALA A 306 11.18 -17.58 11.06
N GLN A 307 12.38 -17.26 10.60
CA GLN A 307 12.56 -16.62 9.29
C GLN A 307 11.88 -17.44 8.20
N PHE A 308 12.13 -18.75 8.19
CA PHE A 308 11.61 -19.60 7.13
C PHE A 308 10.09 -19.72 7.21
N GLN A 309 9.55 -19.89 8.42
CA GLN A 309 8.11 -19.99 8.57
C GLN A 309 7.42 -18.72 8.09
N ARG A 310 8.06 -17.56 8.30
CA ARG A 310 7.55 -16.31 7.75
C ARG A 310 7.45 -16.38 6.23
N GLY A 311 8.47 -16.94 5.57
CA GLY A 311 8.43 -17.05 4.12
C GLY A 311 7.30 -17.94 3.64
N MET A 312 7.21 -19.15 4.19
CA MET A 312 6.21 -20.11 3.73
C MET A 312 4.79 -19.65 4.06
N ALA A 313 4.62 -18.87 5.13
CA ALA A 313 3.32 -18.27 5.39
C ALA A 313 2.89 -17.37 4.24
N ALA A 314 3.77 -16.46 3.81
CA ALA A 314 3.47 -15.62 2.67
C ALA A 314 3.21 -16.47 1.43
N CYS A 315 4.00 -17.51 1.23
CA CYS A 315 3.75 -18.44 0.13
C CYS A 315 2.34 -19.00 0.21
N GLN A 316 1.93 -19.42 1.41
CA GLN A 316 0.61 -20.03 1.57
C GLN A 316 -0.50 -19.06 1.19
N THR A 317 -0.41 -17.81 1.63
CA THR A 317 -1.47 -16.85 1.30
C THR A 317 -1.58 -16.69 -0.22
N LEU A 318 -0.44 -16.60 -0.91
CA LEU A 318 -0.46 -16.60 -2.37
C LEU A 318 -1.15 -17.85 -2.89
N PHE A 319 -0.87 -19.01 -2.28
CA PHE A 319 -1.45 -20.26 -2.76
C PHE A 319 -2.96 -20.31 -2.54
N THR A 320 -3.47 -19.65 -1.50
CA THR A 320 -4.92 -19.62 -1.33
C THR A 320 -5.58 -18.84 -2.46
N ILE A 321 -4.93 -17.77 -2.95
CA ILE A 321 -5.42 -17.11 -4.16
C ILE A 321 -5.35 -18.05 -5.35
N LEU A 322 -4.22 -18.75 -5.49
CA LEU A 322 -4.08 -19.73 -6.57
C LEU A 322 -5.11 -20.84 -6.44
N ASP A 323 -5.47 -21.22 -5.21
CA ASP A 323 -6.45 -22.28 -5.00
C ASP A 323 -7.88 -21.82 -5.25
N SER A 324 -8.13 -20.52 -5.24
CA SER A 324 -9.49 -20.02 -5.44
C SER A 324 -10.04 -20.48 -6.79
N GLU A 325 -11.36 -20.46 -6.91
CA GLU A 325 -12.02 -20.96 -8.10
C GLU A 325 -12.05 -19.89 -9.19
N GLN A 326 -11.69 -20.29 -10.42
CA GLN A 326 -11.79 -19.43 -11.58
C GLN A 326 -13.23 -19.43 -12.11
N GLU A 327 -13.47 -18.57 -13.10
CA GLU A 327 -14.77 -18.50 -13.75
C GLU A 327 -15.24 -19.88 -14.17
N LYS A 328 -16.50 -20.20 -13.85
CA LYS A 328 -17.06 -21.46 -14.31
C LYS A 328 -17.12 -21.47 -15.83
N ASP A 329 -16.44 -22.44 -16.44
CA ASP A 329 -16.26 -22.47 -17.89
C ASP A 329 -16.21 -23.94 -18.31
N GLU A 330 -17.40 -24.52 -18.56
CA GLU A 330 -17.53 -25.91 -18.95
C GLU A 330 -18.20 -26.06 -20.31
N GLY A 331 -18.20 -25.01 -21.13
CA GLY A 331 -19.04 -24.98 -22.32
C GLY A 331 -18.66 -26.04 -23.34
N LYS A 332 -17.41 -26.04 -23.78
CA LYS A 332 -16.87 -26.93 -24.81
C LYS A 332 -17.33 -26.58 -26.22
N ARG A 333 -18.20 -25.59 -26.39
CA ARG A 333 -18.76 -25.24 -27.69
C ARG A 333 -18.24 -23.87 -28.11
N VAL A 334 -17.56 -23.83 -29.25
CA VAL A 334 -17.06 -22.59 -29.82
C VAL A 334 -17.87 -22.31 -31.07
N ILE A 335 -18.40 -21.10 -31.17
CA ILE A 335 -19.01 -20.63 -32.41
C ILE A 335 -18.36 -19.31 -32.79
N GLU A 336 -18.03 -19.20 -34.07
CA GLU A 336 -17.35 -18.05 -34.64
C GLU A 336 -18.37 -17.25 -35.45
N ARG A 337 -18.56 -16.00 -35.07
CA ARG A 337 -19.59 -15.15 -35.67
C ARG A 337 -20.96 -15.85 -35.62
N ALA A 338 -21.45 -15.99 -34.39
CA ALA A 338 -22.81 -16.48 -34.18
C ALA A 338 -23.81 -15.53 -34.85
N THR A 339 -24.87 -16.10 -35.41
CA THR A 339 -25.82 -15.29 -36.16
C THR A 339 -26.34 -14.14 -35.31
N GLY A 340 -26.78 -14.43 -34.10
CA GLY A 340 -27.15 -13.40 -33.16
C GLY A 340 -28.62 -13.28 -32.85
N ASP A 341 -29.29 -14.38 -32.49
CA ASP A 341 -30.60 -14.29 -31.85
C ASP A 341 -30.48 -14.85 -30.45
N VAL A 342 -31.00 -14.11 -29.48
CA VAL A 342 -30.86 -14.41 -28.06
C VAL A 342 -32.26 -14.62 -27.51
N GLU A 343 -32.51 -15.78 -26.92
CA GLU A 343 -33.79 -16.06 -26.30
C GLU A 343 -33.60 -16.33 -24.81
N PHE A 344 -34.38 -15.65 -23.99
CA PHE A 344 -34.50 -15.94 -22.57
C PHE A 344 -35.72 -16.83 -22.37
N ARG A 345 -35.55 -17.89 -21.59
CA ARG A 345 -36.67 -18.73 -21.18
C ARG A 345 -36.68 -18.84 -19.67
N ASN A 346 -37.73 -18.32 -19.03
CA ASN A 346 -38.00 -18.55 -17.61
C ASN A 346 -36.74 -18.28 -16.78
N VAL A 347 -36.19 -17.10 -16.98
CA VAL A 347 -34.90 -16.71 -16.39
C VAL A 347 -35.19 -16.04 -15.06
N THR A 348 -34.57 -16.56 -14.01
CA THR A 348 -34.62 -15.93 -12.71
C THR A 348 -33.20 -15.77 -12.19
N PHE A 349 -32.92 -14.60 -11.62
CA PHE A 349 -31.56 -14.24 -11.26
C PHE A 349 -31.58 -13.31 -10.06
N THR A 350 -30.89 -13.71 -9.00
CA THR A 350 -30.66 -12.87 -7.83
C THR A 350 -29.17 -12.71 -7.65
N TYR A 351 -28.71 -11.48 -7.47
CA TYR A 351 -27.30 -11.26 -7.25
C TYR A 351 -26.89 -12.01 -5.98
N PRO A 352 -25.68 -12.57 -5.93
CA PRO A 352 -25.31 -13.39 -4.78
C PRO A 352 -25.30 -12.57 -3.50
N GLY A 353 -25.75 -13.18 -2.41
CA GLY A 353 -25.84 -12.48 -1.15
C GLY A 353 -26.89 -11.39 -1.12
N ARG A 354 -27.99 -11.58 -1.86
CA ARG A 354 -29.16 -10.74 -1.76
C ARG A 354 -30.39 -11.65 -1.87
N ASP A 355 -31.52 -11.18 -1.35
CA ASP A 355 -32.67 -12.05 -1.14
C ASP A 355 -33.92 -11.57 -1.87
N VAL A 356 -33.78 -10.75 -2.91
CA VAL A 356 -34.89 -10.46 -3.82
C VAL A 356 -34.38 -10.69 -5.24
N PRO A 357 -35.04 -11.51 -6.06
CA PRO A 357 -34.52 -11.76 -7.40
C PRO A 357 -34.50 -10.48 -8.25
N ALA A 358 -33.40 -10.28 -8.96
CA ALA A 358 -33.30 -9.13 -9.86
C ALA A 358 -34.24 -9.26 -11.04
N LEU A 359 -34.35 -10.48 -11.58
CA LEU A 359 -35.29 -10.81 -12.63
C LEU A 359 -36.07 -12.04 -12.20
N ARG A 360 -37.39 -11.96 -12.23
CA ARG A 360 -38.26 -13.11 -11.99
C ARG A 360 -38.97 -13.46 -13.29
N ASN A 361 -38.60 -14.61 -13.87
CA ASN A 361 -39.34 -15.24 -14.96
C ASN A 361 -39.46 -14.32 -16.18
N ILE A 362 -38.31 -14.02 -16.76
CA ILE A 362 -38.22 -13.26 -18.00
C ILE A 362 -38.28 -14.21 -19.19
N ASN A 363 -39.10 -13.85 -20.18
CA ASN A 363 -39.06 -14.48 -21.51
C ASN A 363 -38.99 -13.35 -22.53
N LEU A 364 -37.83 -13.15 -23.15
CA LEU A 364 -37.78 -12.32 -24.35
C LEU A 364 -36.93 -13.02 -25.39
N LYS A 365 -37.42 -12.95 -26.63
CA LYS A 365 -36.73 -13.48 -27.80
C LYS A 365 -36.24 -12.31 -28.62
N ILE A 366 -34.94 -12.25 -28.85
CA ILE A 366 -34.37 -11.21 -29.71
C ILE A 366 -33.97 -11.87 -31.03
N PRO A 367 -34.72 -11.66 -32.11
CA PRO A 367 -34.34 -12.22 -33.41
C PRO A 367 -33.05 -11.63 -33.93
N ALA A 368 -32.34 -12.42 -34.74
CA ALA A 368 -31.11 -11.96 -35.37
C ALA A 368 -31.35 -10.70 -36.18
N GLY A 369 -30.44 -9.73 -36.04
CA GLY A 369 -30.47 -8.51 -36.82
C GLY A 369 -31.38 -7.42 -36.29
N LYS A 370 -32.15 -7.68 -35.25
CA LYS A 370 -33.18 -6.75 -34.80
C LYS A 370 -32.91 -6.26 -33.39
N THR A 371 -33.37 -5.05 -33.12
CA THR A 371 -33.07 -4.35 -31.88
C THR A 371 -34.30 -4.36 -30.98
N VAL A 372 -34.05 -4.52 -29.68
CA VAL A 372 -35.07 -4.48 -28.65
C VAL A 372 -34.65 -3.45 -27.62
N ALA A 373 -35.61 -2.65 -27.16
CA ALA A 373 -35.35 -1.60 -26.19
C ALA A 373 -35.88 -2.03 -24.84
N LEU A 374 -34.99 -2.18 -23.87
CA LEU A 374 -35.37 -2.43 -22.48
C LEU A 374 -35.47 -1.08 -21.79
N VAL A 375 -36.69 -0.68 -21.51
CA VAL A 375 -36.97 0.61 -20.88
C VAL A 375 -37.92 0.34 -19.73
N GLY A 376 -37.72 1.04 -18.62
CA GLY A 376 -38.51 0.80 -17.43
C GLY A 376 -38.15 1.80 -16.35
N ARG A 377 -38.83 1.67 -15.23
CA ARG A 377 -38.50 2.50 -14.08
C ARG A 377 -37.10 2.14 -13.59
N SER A 378 -36.33 3.16 -13.23
CA SER A 378 -34.98 2.92 -12.73
C SER A 378 -35.05 1.95 -11.56
N GLY A 379 -34.07 1.05 -11.50
CA GLY A 379 -34.03 0.05 -10.46
C GLY A 379 -34.62 -1.29 -10.83
N SER A 380 -35.17 -1.44 -12.04
CA SER A 380 -35.53 -2.75 -12.54
C SER A 380 -34.34 -3.38 -13.25
N GLY A 381 -34.50 -4.64 -13.64
CA GLY A 381 -33.38 -5.44 -14.05
C GLY A 381 -32.97 -5.33 -15.51
N LYS A 382 -33.32 -4.23 -16.18
CA LYS A 382 -32.87 -4.06 -17.56
C LYS A 382 -31.35 -4.07 -17.64
N SER A 383 -30.69 -3.35 -16.72
CA SER A 383 -29.23 -3.40 -16.67
C SER A 383 -28.74 -4.80 -16.34
N THR A 384 -29.37 -5.48 -15.39
CA THR A 384 -28.93 -6.81 -15.00
C THR A 384 -28.94 -7.76 -16.20
N ILE A 385 -30.01 -7.72 -17.00
CA ILE A 385 -30.15 -8.64 -18.12
C ILE A 385 -28.92 -8.58 -19.01
N ALA A 386 -28.50 -7.37 -19.36
CA ALA A 386 -27.27 -7.19 -20.13
C ALA A 386 -26.13 -8.01 -19.54
N SER A 387 -25.91 -7.86 -18.23
CA SER A 387 -24.78 -8.54 -17.58
C SER A 387 -24.84 -10.05 -17.79
N LEU A 388 -26.03 -10.63 -17.93
CA LEU A 388 -26.16 -12.08 -17.97
C LEU A 388 -25.71 -12.67 -19.30
N ILE A 389 -25.91 -11.95 -20.41
CA ILE A 389 -25.61 -12.52 -21.71
C ILE A 389 -24.11 -12.72 -21.87
N THR A 390 -23.31 -11.79 -21.34
CA THR A 390 -21.87 -12.00 -21.27
C THR A 390 -21.50 -13.07 -20.26
N ARG A 391 -22.47 -13.53 -19.47
CA ARG A 391 -22.22 -14.53 -18.44
C ARG A 391 -21.19 -14.02 -17.43
N PHE A 392 -21.27 -12.74 -17.08
CA PHE A 392 -20.61 -12.28 -15.86
C PHE A 392 -21.19 -12.97 -14.64
N TYR A 393 -22.48 -13.30 -14.70
CA TYR A 393 -23.15 -14.09 -13.68
C TYR A 393 -23.98 -15.15 -14.38
N ASP A 394 -24.04 -16.33 -13.77
CA ASP A 394 -24.93 -17.37 -14.24
C ASP A 394 -26.30 -17.19 -13.61
N ILE A 395 -27.34 -17.46 -14.39
CA ILE A 395 -28.70 -17.38 -13.89
C ILE A 395 -28.91 -18.51 -12.88
N ASP A 396 -29.99 -18.43 -12.10
CA ASP A 396 -30.31 -19.47 -11.14
C ASP A 396 -31.23 -20.51 -11.75
N GLU A 397 -32.30 -20.07 -12.41
CA GLU A 397 -33.26 -20.96 -13.02
C GLU A 397 -33.53 -20.54 -14.46
N GLY A 398 -33.89 -21.51 -15.29
CA GLY A 398 -34.23 -21.23 -16.68
C GLY A 398 -33.07 -21.44 -17.63
N GLU A 399 -32.91 -20.52 -18.57
CA GLU A 399 -31.88 -20.65 -19.59
C GLU A 399 -31.88 -19.44 -20.52
N ILE A 400 -30.69 -19.01 -20.92
CA ILE A 400 -30.50 -17.99 -21.94
C ILE A 400 -29.85 -18.65 -23.13
N LEU A 401 -30.45 -18.51 -24.31
CA LEU A 401 -30.00 -19.16 -25.53
C LEU A 401 -29.31 -18.16 -26.43
N MET A 402 -28.17 -18.57 -27.00
CA MET A 402 -27.54 -17.87 -28.12
C MET A 402 -27.50 -18.83 -29.30
N ASP A 403 -28.29 -18.53 -30.33
CA ASP A 403 -28.37 -19.35 -31.52
C ASP A 403 -28.70 -20.80 -31.15
N GLY A 404 -29.70 -20.95 -30.26
CA GLY A 404 -30.24 -22.26 -29.97
C GLY A 404 -29.44 -23.10 -28.99
N HIS A 405 -28.63 -22.48 -28.14
CA HIS A 405 -27.85 -23.23 -27.16
C HIS A 405 -27.58 -22.34 -25.97
N ASP A 406 -27.57 -22.95 -24.78
CA ASP A 406 -27.37 -22.18 -23.55
C ASP A 406 -25.98 -21.54 -23.55
N LEU A 407 -25.92 -20.32 -23.01
CA LEU A 407 -24.64 -19.63 -22.91
C LEU A 407 -23.60 -20.49 -22.21
N ARG A 408 -24.05 -21.32 -21.25
CA ARG A 408 -23.13 -22.13 -20.45
C ARG A 408 -22.62 -23.36 -21.20
N GLU A 409 -23.24 -23.72 -22.33
CA GLU A 409 -22.64 -24.69 -23.23
C GLU A 409 -21.56 -24.07 -24.11
N TYR A 410 -21.53 -22.74 -24.23
CA TYR A 410 -20.50 -22.06 -24.98
C TYR A 410 -19.27 -21.79 -24.12
N THR A 411 -18.10 -21.87 -24.73
CA THR A 411 -16.91 -21.33 -24.11
C THR A 411 -17.12 -19.85 -23.82
N LEU A 412 -16.71 -19.42 -22.63
CA LEU A 412 -16.80 -18.00 -22.29
C LEU A 412 -16.11 -17.14 -23.34
N ALA A 413 -14.96 -17.60 -23.82
CA ALA A 413 -14.23 -16.90 -24.87
C ALA A 413 -15.11 -16.68 -26.10
N SER A 414 -15.49 -17.76 -26.78
CA SER A 414 -16.34 -17.63 -27.96
C SER A 414 -17.61 -16.86 -27.63
N LEU A 415 -18.22 -17.15 -26.47
CA LEU A 415 -19.45 -16.46 -26.10
C LEU A 415 -19.25 -14.95 -26.04
N ARG A 416 -18.10 -14.52 -25.53
CA ARG A 416 -17.87 -13.10 -25.31
C ARG A 416 -17.33 -12.38 -26.54
N ASN A 417 -16.78 -13.10 -27.52
CA ASN A 417 -16.43 -12.50 -28.79
C ASN A 417 -17.66 -12.21 -29.65
N GLN A 418 -18.79 -12.85 -29.35
CA GLN A 418 -20.03 -12.52 -30.03
C GLN A 418 -20.61 -11.20 -29.52
N VAL A 419 -20.39 -10.89 -28.25
CA VAL A 419 -21.04 -9.76 -27.61
C VAL A 419 -20.12 -8.56 -27.70
N ALA A 420 -20.61 -7.48 -28.29
CA ALA A 420 -20.00 -6.16 -28.18
C ALA A 420 -20.75 -5.36 -27.14
N LEU A 421 -20.02 -4.50 -26.44
CA LEU A 421 -20.61 -3.61 -25.46
C LEU A 421 -20.28 -2.17 -25.83
N VAL A 422 -21.29 -1.30 -25.66
CA VAL A 422 -21.17 0.11 -25.99
C VAL A 422 -21.86 0.86 -24.87
N SER A 423 -21.10 1.63 -24.11
CA SER A 423 -21.65 2.42 -23.02
C SER A 423 -20.73 3.61 -22.78
N GLN A 424 -21.13 4.47 -21.86
CA GLN A 424 -20.35 5.66 -21.56
C GLN A 424 -19.19 5.39 -20.61
N ASN A 425 -19.28 4.32 -19.82
CA ASN A 425 -18.26 4.02 -18.82
C ASN A 425 -17.25 2.99 -19.27
N VAL A 426 -17.18 2.72 -20.58
CA VAL A 426 -16.13 1.86 -21.09
C VAL A 426 -14.78 2.32 -20.55
N HIS A 427 -13.90 1.36 -20.29
CA HIS A 427 -12.56 1.66 -19.81
C HIS A 427 -11.67 2.03 -20.98
N LEU A 428 -10.85 3.05 -20.78
CA LEU A 428 -9.89 3.52 -21.78
C LEU A 428 -8.49 3.15 -21.30
N PHE A 429 -7.98 2.02 -21.79
CA PHE A 429 -6.65 1.58 -21.43
C PHE A 429 -5.62 2.64 -21.78
N ASN A 430 -4.58 2.72 -20.96
CA ASN A 430 -3.50 3.68 -21.16
C ASN A 430 -2.74 3.32 -22.43
N ASP A 431 -3.01 4.03 -23.52
CA ASP A 431 -2.45 3.65 -24.81
C ASP A 431 -2.85 4.66 -25.87
N THR A 432 -2.58 4.36 -27.14
CA THR A 432 -3.01 5.19 -28.26
C THR A 432 -4.49 4.96 -28.56
N VAL A 433 -5.08 5.92 -29.27
CA VAL A 433 -6.47 5.81 -29.67
C VAL A 433 -6.66 4.63 -30.62
N ALA A 434 -5.80 4.54 -31.64
CA ALA A 434 -5.83 3.40 -32.54
C ALA A 434 -5.84 2.09 -31.77
N ASN A 435 -4.96 1.97 -30.78
CA ASN A 435 -4.84 0.71 -30.04
C ASN A 435 -5.97 0.49 -29.06
N ASN A 436 -6.72 1.54 -28.71
CA ASN A 436 -7.92 1.33 -27.90
C ASN A 436 -9.06 0.78 -28.75
N ILE A 437 -9.26 1.34 -29.95
CA ILE A 437 -10.33 0.88 -30.83
C ILE A 437 -10.13 -0.58 -31.20
N ALA A 438 -8.94 -0.92 -31.66
CA ALA A 438 -8.58 -2.31 -31.96
C ALA A 438 -7.88 -2.94 -30.75
N TYR A 439 -8.63 -3.00 -29.65
CA TYR A 439 -8.02 -3.10 -28.34
C TYR A 439 -7.07 -4.29 -28.24
N ALA A 440 -7.61 -5.50 -28.44
CA ALA A 440 -6.81 -6.72 -28.30
C ALA A 440 -6.59 -7.41 -29.64
N ARG A 441 -6.73 -6.69 -30.74
CA ARG A 441 -6.57 -7.24 -32.08
C ARG A 441 -5.72 -6.31 -32.94
N THR A 442 -4.73 -5.67 -32.32
CA THR A 442 -3.85 -4.78 -33.08
C THR A 442 -3.17 -5.51 -34.24
N GLU A 443 -2.96 -6.82 -34.11
CA GLU A 443 -2.31 -7.59 -35.16
C GLU A 443 -3.25 -7.99 -36.28
N GLN A 444 -4.56 -7.88 -36.09
CA GLN A 444 -5.53 -8.42 -37.04
C GLN A 444 -6.23 -7.37 -37.89
N TYR A 445 -6.25 -6.10 -37.49
CA TYR A 445 -6.95 -5.07 -38.22
C TYR A 445 -5.97 -4.02 -38.72
N SER A 446 -6.13 -3.64 -39.99
CA SER A 446 -5.23 -2.68 -40.63
C SER A 446 -5.54 -1.26 -40.17
N ARG A 447 -4.58 -0.37 -40.43
CA ARG A 447 -4.80 1.04 -40.15
C ARG A 447 -6.03 1.54 -40.89
N GLU A 448 -6.06 1.38 -42.21
CA GLU A 448 -7.22 1.78 -43.00
C GLU A 448 -8.50 1.21 -42.43
N GLN A 449 -8.44 0.00 -41.87
CA GLN A 449 -9.60 -0.58 -41.18
C GLN A 449 -9.96 0.24 -39.95
N ILE A 450 -8.96 0.59 -39.14
CA ILE A 450 -9.22 1.38 -37.93
C ILE A 450 -9.69 2.77 -38.32
N GLU A 451 -9.01 3.41 -39.28
CA GLU A 451 -9.32 4.78 -39.63
C GLU A 451 -10.80 4.94 -39.98
N GLU A 452 -11.36 3.99 -40.73
CA GLU A 452 -12.75 4.09 -41.14
C GLU A 452 -13.71 3.75 -40.00
N ALA A 453 -13.34 2.81 -39.12
CA ALA A 453 -14.18 2.52 -37.98
C ALA A 453 -14.40 3.77 -37.13
N ALA A 454 -13.35 4.54 -36.90
CA ALA A 454 -13.48 5.79 -36.14
C ALA A 454 -14.32 6.80 -36.92
N ARG A 455 -14.14 6.86 -38.24
CA ARG A 455 -14.95 7.75 -39.07
C ARG A 455 -16.42 7.38 -38.98
N MET A 456 -16.73 6.08 -39.12
CA MET A 456 -18.10 5.61 -39.08
C MET A 456 -18.75 5.79 -37.71
N ALA A 457 -17.97 6.14 -36.68
CA ALA A 457 -18.51 6.38 -35.35
C ALA A 457 -18.64 7.86 -35.03
N TYR A 458 -18.45 8.74 -36.03
CA TYR A 458 -18.54 10.18 -35.83
C TYR A 458 -17.63 10.65 -34.71
N ALA A 459 -16.48 9.98 -34.57
CA ALA A 459 -15.51 10.31 -33.55
C ALA A 459 -14.39 11.21 -34.05
N MET A 460 -14.20 11.32 -35.36
CA MET A 460 -13.03 12.00 -35.90
C MET A 460 -13.03 13.50 -35.63
N ASP A 461 -14.18 14.09 -35.29
CA ASP A 461 -14.20 15.53 -35.04
C ASP A 461 -13.40 15.90 -33.80
N PHE A 462 -13.39 15.02 -32.78
CA PHE A 462 -12.58 15.28 -31.60
C PHE A 462 -11.26 14.53 -31.59
N ILE A 463 -11.03 13.62 -32.55
CA ILE A 463 -9.71 13.02 -32.72
C ILE A 463 -8.80 13.97 -33.48
N ASN A 464 -9.30 14.52 -34.59
CA ASN A 464 -8.50 15.42 -35.41
C ASN A 464 -8.01 16.64 -34.65
N LYS A 465 -8.58 16.93 -33.48
CA LYS A 465 -8.18 18.05 -32.65
C LYS A 465 -7.14 17.68 -31.61
N MET A 466 -6.68 16.43 -31.57
CA MET A 466 -5.74 15.97 -30.57
C MET A 466 -4.34 16.49 -30.88
N ASP A 467 -3.40 16.23 -29.96
CA ASP A 467 -2.02 16.67 -30.17
C ASP A 467 -1.40 15.92 -31.33
N ASN A 468 -1.30 14.59 -31.22
CA ASN A 468 -0.82 13.74 -32.30
C ASN A 468 -1.97 13.04 -33.03
N GLY A 469 -3.18 13.54 -32.91
CA GLY A 469 -4.30 12.97 -33.64
C GLY A 469 -4.62 11.56 -33.21
N LEU A 470 -4.77 10.68 -34.21
CA LEU A 470 -5.27 9.34 -33.94
C LEU A 470 -4.27 8.48 -33.18
N ASP A 471 -2.98 8.86 -33.16
CA ASP A 471 -1.98 8.17 -32.36
C ASP A 471 -1.62 8.94 -31.10
N THR A 472 -2.47 9.89 -30.69
CA THR A 472 -2.33 10.51 -29.39
C THR A 472 -2.57 9.48 -28.30
N VAL A 473 -1.79 9.55 -27.24
CA VAL A 473 -1.90 8.58 -26.16
C VAL A 473 -2.97 9.05 -25.19
N ILE A 474 -3.98 8.21 -24.98
CA ILE A 474 -5.08 8.48 -24.09
C ILE A 474 -5.01 7.48 -22.95
N GLY A 475 -5.62 7.84 -21.83
CA GLY A 475 -5.53 7.02 -20.64
C GLY A 475 -5.22 7.88 -19.45
N GLU A 476 -4.27 7.45 -18.62
CA GLU A 476 -3.97 8.16 -17.39
C GLU A 476 -5.25 8.36 -16.60
N ASN A 477 -5.91 7.22 -16.33
CA ASN A 477 -7.21 7.16 -15.69
C ASN A 477 -8.33 7.64 -16.61
N GLY A 478 -8.15 7.49 -17.93
CA GLY A 478 -9.16 7.96 -18.87
C GLY A 478 -9.40 9.45 -18.78
N VAL A 479 -8.39 10.21 -18.34
CA VAL A 479 -8.60 11.62 -18.04
C VAL A 479 -8.97 12.39 -19.30
N LEU A 480 -8.28 12.13 -20.41
CA LEU A 480 -8.40 12.97 -21.58
C LEU A 480 -9.83 12.98 -22.13
N LEU A 481 -10.53 11.85 -22.09
CA LEU A 481 -11.78 11.74 -22.82
C LEU A 481 -13.00 11.98 -21.93
N SER A 482 -14.11 12.24 -22.61
CA SER A 482 -15.40 12.56 -21.99
C SER A 482 -16.40 11.46 -22.28
N GLY A 483 -17.57 11.56 -21.65
CA GLY A 483 -18.59 10.54 -21.82
C GLY A 483 -19.10 10.45 -23.25
N GLY A 484 -19.42 11.61 -23.84
CA GLY A 484 -19.84 11.61 -25.23
C GLY A 484 -18.77 11.10 -26.17
N GLN A 485 -17.51 11.40 -25.85
CA GLN A 485 -16.40 10.92 -26.66
C GLN A 485 -16.19 9.42 -26.47
N ARG A 486 -16.41 8.93 -25.26
CA ARG A 486 -16.19 7.51 -24.97
C ARG A 486 -17.18 6.63 -25.73
N GLN A 487 -18.47 7.01 -25.75
CA GLN A 487 -19.46 6.24 -26.49
C GLN A 487 -18.97 5.99 -27.92
N ARG A 488 -18.55 7.07 -28.59
CA ARG A 488 -18.11 6.95 -29.98
C ARG A 488 -16.87 6.08 -30.10
N ILE A 489 -16.02 6.05 -29.07
CA ILE A 489 -14.91 5.09 -29.07
C ILE A 489 -15.42 3.68 -28.84
N ALA A 490 -16.32 3.51 -27.86
CA ALA A 490 -16.93 2.21 -27.65
C ALA A 490 -17.63 1.73 -28.91
N ILE A 491 -18.28 2.63 -29.63
CA ILE A 491 -18.89 2.31 -30.91
C ILE A 491 -17.81 1.92 -31.91
N ALA A 492 -16.73 2.72 -31.97
CA ALA A 492 -15.64 2.43 -32.90
C ALA A 492 -15.10 1.03 -32.71
N ARG A 493 -15.09 0.52 -31.48
CA ARG A 493 -14.69 -0.87 -31.24
C ARG A 493 -15.70 -1.83 -31.86
N ALA A 494 -16.99 -1.65 -31.54
CA ALA A 494 -18.00 -2.57 -32.03
C ALA A 494 -18.01 -2.62 -33.56
N LEU A 495 -17.92 -1.48 -34.22
CA LEU A 495 -17.92 -1.44 -35.67
C LEU A 495 -16.77 -2.26 -36.23
N LEU A 496 -15.56 -2.02 -35.72
CA LEU A 496 -14.38 -2.72 -36.22
C LEU A 496 -14.54 -4.23 -36.05
N ARG A 497 -14.78 -4.68 -34.81
CA ARG A 497 -14.95 -6.11 -34.57
C ARG A 497 -16.14 -6.67 -35.30
N ASP A 498 -17.17 -5.84 -35.54
CA ASP A 498 -18.40 -6.29 -36.17
C ASP A 498 -18.97 -7.50 -35.43
N SER A 499 -19.13 -7.34 -34.12
CA SER A 499 -19.68 -8.42 -33.32
C SER A 499 -21.17 -8.57 -33.61
N PRO A 500 -21.69 -9.79 -33.64
CA PRO A 500 -23.09 -9.99 -34.04
C PRO A 500 -24.12 -9.64 -32.98
N ILE A 501 -23.74 -9.52 -31.71
CA ILE A 501 -24.67 -9.21 -30.63
C ILE A 501 -24.17 -7.94 -29.95
N LEU A 502 -24.95 -6.87 -30.05
CA LEU A 502 -24.62 -5.60 -29.42
C LEU A 502 -25.43 -5.42 -28.14
N ILE A 503 -24.77 -4.94 -27.09
CA ILE A 503 -25.42 -4.52 -25.87
C ILE A 503 -25.13 -3.04 -25.72
N LEU A 504 -26.16 -2.22 -25.85
CA LEU A 504 -26.03 -0.77 -25.78
C LEU A 504 -26.64 -0.26 -24.49
N ASP A 505 -25.88 0.51 -23.74
CA ASP A 505 -26.34 1.09 -22.47
C ASP A 505 -26.33 2.60 -22.61
N GLU A 506 -27.51 3.18 -22.86
CA GLU A 506 -27.66 4.62 -22.82
C GLU A 506 -28.01 5.14 -21.43
N ALA A 507 -28.37 4.25 -20.50
CA ALA A 507 -28.66 4.65 -19.12
C ALA A 507 -27.61 5.62 -18.60
N THR A 508 -26.36 5.18 -18.56
CA THR A 508 -25.26 6.05 -18.16
C THR A 508 -24.83 7.01 -19.25
N SER A 509 -25.28 6.81 -20.49
CA SER A 509 -24.93 7.75 -21.55
C SER A 509 -25.48 9.13 -21.24
N ALA A 510 -24.75 10.15 -21.68
CA ALA A 510 -25.17 11.54 -21.54
C ALA A 510 -25.77 11.98 -22.86
N LEU A 511 -27.09 12.19 -22.89
CA LEU A 511 -27.69 12.84 -24.03
C LEU A 511 -27.27 14.30 -24.12
N ASP A 512 -26.83 14.90 -23.02
CA ASP A 512 -26.28 16.24 -23.05
C ASP A 512 -24.92 16.22 -23.73
N THR A 513 -24.90 16.33 -25.05
CA THR A 513 -23.65 16.38 -25.80
C THR A 513 -23.84 17.33 -26.98
N GLU A 514 -22.97 18.34 -27.10
CA GLU A 514 -23.02 19.21 -28.26
C GLU A 514 -23.17 18.41 -29.54
N SER A 515 -22.43 17.31 -29.67
CA SER A 515 -22.60 16.35 -30.75
C SER A 515 -23.28 15.12 -30.18
N GLU A 516 -24.61 15.13 -30.14
CA GLU A 516 -25.37 13.91 -29.91
C GLU A 516 -26.09 13.41 -31.15
N ARG A 517 -26.49 14.30 -32.06
CA ARG A 517 -26.99 13.85 -33.35
C ARG A 517 -25.94 13.02 -34.06
N ALA A 518 -24.66 13.35 -33.87
CA ALA A 518 -23.58 12.52 -34.40
C ALA A 518 -23.47 11.20 -33.67
N ILE A 519 -23.74 11.18 -32.36
CA ILE A 519 -23.81 9.91 -31.64
C ILE A 519 -25.01 9.11 -32.13
N GLN A 520 -26.11 9.78 -32.43
CA GLN A 520 -27.30 9.10 -32.92
C GLN A 520 -27.07 8.51 -34.31
N ALA A 521 -26.34 9.23 -35.17
CA ALA A 521 -26.01 8.68 -36.48
C ALA A 521 -25.08 7.47 -36.36
N ALA A 522 -24.11 7.54 -35.44
CA ALA A 522 -23.23 6.40 -35.22
C ALA A 522 -24.01 5.18 -34.74
N LEU A 523 -25.02 5.41 -33.89
CA LEU A 523 -25.83 4.31 -33.40
C LEU A 523 -26.64 3.69 -34.53
N ASP A 524 -27.30 4.52 -35.34
CA ASP A 524 -28.04 3.99 -36.48
C ASP A 524 -27.17 3.06 -37.32
N GLU A 525 -25.98 3.55 -37.70
CA GLU A 525 -25.05 2.74 -38.49
C GLU A 525 -24.51 1.55 -37.71
N LEU A 526 -24.55 1.60 -36.38
CA LEU A 526 -23.99 0.51 -35.59
C LEU A 526 -24.89 -0.72 -35.58
N GLN A 527 -26.22 -0.53 -35.57
CA GLN A 527 -27.15 -1.59 -35.23
C GLN A 527 -28.05 -2.05 -36.36
N LYS A 528 -27.87 -1.56 -37.58
CA LYS A 528 -28.73 -2.01 -38.68
C LYS A 528 -28.63 -3.51 -38.89
N ASN A 529 -27.41 -4.05 -38.86
CA ASN A 529 -27.20 -5.44 -39.25
C ASN A 529 -27.46 -6.41 -38.12
N ARG A 530 -27.07 -6.05 -36.89
CA ARG A 530 -26.93 -7.03 -35.83
C ARG A 530 -28.03 -6.91 -34.78
N THR A 531 -28.18 -7.99 -34.02
CA THR A 531 -29.09 -7.98 -32.89
C THR A 531 -28.58 -7.04 -31.81
N SER A 532 -29.50 -6.31 -31.22
CA SER A 532 -29.15 -5.28 -30.24
C SER A 532 -30.07 -5.39 -29.04
N LEU A 533 -29.53 -5.05 -27.88
CA LEU A 533 -30.27 -5.11 -26.61
C LEU A 533 -29.96 -3.80 -25.91
N VAL A 534 -30.89 -2.86 -26.01
CA VAL A 534 -30.64 -1.48 -25.60
C VAL A 534 -31.34 -1.23 -24.28
N ILE A 535 -30.56 -0.83 -23.28
CA ILE A 535 -31.09 -0.24 -22.06
C ILE A 535 -31.40 1.22 -22.39
N ALA A 536 -32.55 1.43 -23.00
CA ALA A 536 -32.80 2.67 -23.74
C ALA A 536 -33.20 3.82 -22.85
N HIS A 537 -32.73 5.01 -23.20
CA HIS A 537 -33.18 6.24 -22.54
C HIS A 537 -33.21 7.42 -23.51
N ARG A 538 -33.10 7.19 -24.81
CA ARG A 538 -33.09 8.26 -25.81
C ARG A 538 -34.32 8.16 -26.70
N LEU A 539 -34.88 9.33 -27.03
CA LEU A 539 -35.98 9.36 -27.99
C LEU A 539 -35.63 8.59 -29.25
N SER A 540 -34.46 8.87 -29.82
CA SER A 540 -34.03 8.23 -31.07
C SER A 540 -34.24 6.71 -31.03
N THR A 541 -33.58 6.03 -30.09
CA THR A 541 -33.51 4.57 -30.14
C THR A 541 -34.87 3.94 -29.90
N ILE A 542 -35.67 4.49 -28.99
CA ILE A 542 -36.99 3.90 -28.73
C ILE A 542 -37.91 4.13 -29.93
N GLU A 543 -37.73 5.23 -30.65
CA GLU A 543 -38.52 5.47 -31.86
C GLU A 543 -38.35 4.34 -32.86
N LYS A 544 -37.10 4.00 -33.20
CA LYS A 544 -36.82 3.03 -34.25
C LYS A 544 -36.85 1.59 -33.75
N ALA A 545 -36.81 1.38 -32.43
CA ALA A 545 -36.71 0.03 -31.88
C ALA A 545 -37.81 -0.86 -32.45
N ASP A 546 -37.47 -2.14 -32.63
CA ASP A 546 -38.43 -3.11 -33.16
C ASP A 546 -39.45 -3.52 -32.10
N GLU A 547 -38.97 -3.87 -30.91
CA GLU A 547 -39.82 -4.20 -29.77
C GLU A 547 -39.39 -3.35 -28.58
N ILE A 548 -40.37 -2.93 -27.78
CA ILE A 548 -40.12 -2.22 -26.54
C ILE A 548 -40.75 -3.03 -25.42
N VAL A 549 -39.95 -3.37 -24.41
CA VAL A 549 -40.39 -4.16 -23.27
C VAL A 549 -40.26 -3.29 -22.02
N VAL A 550 -41.33 -3.24 -21.23
CA VAL A 550 -41.35 -2.48 -19.97
C VAL A 550 -41.03 -3.44 -18.84
N VAL A 551 -40.08 -3.07 -17.99
CA VAL A 551 -39.66 -3.90 -16.87
C VAL A 551 -39.91 -3.14 -15.58
N GLU A 552 -40.52 -3.82 -14.61
CA GLU A 552 -40.54 -3.34 -13.23
C GLU A 552 -40.39 -4.53 -12.31
N ASP A 553 -39.59 -4.34 -11.25
CA ASP A 553 -39.36 -5.40 -10.25
C ASP A 553 -38.90 -6.69 -10.93
N GLY A 554 -38.08 -6.54 -11.96
CA GLY A 554 -37.55 -7.72 -12.65
C GLY A 554 -38.57 -8.52 -13.40
N VAL A 555 -39.69 -7.90 -13.80
CA VAL A 555 -40.76 -8.57 -14.52
C VAL A 555 -41.09 -7.74 -15.75
N ILE A 556 -41.26 -8.42 -16.89
CA ILE A 556 -41.73 -7.75 -18.10
C ILE A 556 -43.24 -7.61 -18.01
N VAL A 557 -43.72 -6.36 -18.00
CA VAL A 557 -45.15 -6.12 -17.80
C VAL A 557 -45.89 -5.73 -19.09
N GLU A 558 -45.18 -5.54 -20.20
CA GLU A 558 -45.85 -5.30 -21.48
C GLU A 558 -44.81 -5.25 -22.59
N ARG A 559 -45.26 -5.50 -23.82
CA ARG A 559 -44.42 -5.51 -25.01
C ARG A 559 -45.16 -4.91 -26.20
N GLY A 560 -44.41 -4.31 -27.12
CA GLY A 560 -44.98 -3.92 -28.40
C GLY A 560 -44.12 -2.91 -29.15
N THR A 561 -44.64 -2.53 -30.32
CA THR A 561 -44.09 -1.44 -31.11
C THR A 561 -44.35 -0.10 -30.41
N HIS A 562 -43.63 0.94 -30.84
CA HIS A 562 -43.86 2.25 -30.21
C HIS A 562 -45.26 2.76 -30.53
N ASN A 563 -45.58 2.94 -31.80
CA ASN A 563 -46.92 3.40 -32.15
C ASN A 563 -47.98 2.51 -31.50
N ASP A 564 -47.82 1.20 -31.66
CA ASP A 564 -48.76 0.25 -31.08
C ASP A 564 -48.90 0.45 -29.57
N LEU A 565 -47.79 0.47 -28.85
CA LEU A 565 -47.84 0.59 -27.40
C LEU A 565 -48.54 1.88 -26.97
N LEU A 566 -48.21 3.00 -27.62
CA LEU A 566 -48.90 4.24 -27.25
C LEU A 566 -50.39 4.13 -27.54
N GLU A 567 -50.78 3.39 -28.57
CA GLU A 567 -52.20 3.11 -28.77
C GLU A 567 -52.80 2.44 -27.54
N HIS A 568 -52.07 1.49 -26.93
CA HIS A 568 -52.59 0.75 -25.79
C HIS A 568 -52.62 1.59 -24.52
N ARG A 569 -51.80 2.63 -24.44
CA ARG A 569 -51.85 3.58 -23.32
C ARG A 569 -51.73 2.87 -21.97
N GLY A 570 -50.83 1.89 -21.90
CA GLY A 570 -50.57 1.20 -20.66
C GLY A 570 -49.47 1.83 -19.84
N VAL A 571 -48.54 1.01 -19.35
CA VAL A 571 -47.44 1.52 -18.53
C VAL A 571 -46.54 2.42 -19.37
N TYR A 572 -46.27 2.05 -20.62
CA TYR A 572 -45.32 2.80 -21.43
C TYR A 572 -45.75 4.26 -21.60
N ALA A 573 -47.03 4.48 -21.95
CA ALA A 573 -47.48 5.83 -22.26
C ALA A 573 -47.35 6.76 -21.06
N GLN A 574 -47.65 6.26 -19.87
CA GLN A 574 -47.54 7.10 -18.67
C GLN A 574 -46.12 7.62 -18.49
N LEU A 575 -45.12 6.77 -18.74
CA LEU A 575 -43.74 7.24 -18.75
C LEU A 575 -43.55 8.28 -19.84
N HIS A 576 -44.22 8.10 -20.98
CA HIS A 576 -44.18 9.10 -22.03
C HIS A 576 -44.91 10.38 -21.61
N LYS A 577 -46.04 10.24 -20.91
CA LYS A 577 -46.85 11.40 -20.53
C LYS A 577 -46.03 12.39 -19.70
N MET A 578 -45.25 11.90 -18.75
CA MET A 578 -44.44 12.78 -17.92
C MET A 578 -43.32 13.42 -18.72
N GLN A 579 -42.49 12.60 -19.37
CA GLN A 579 -41.35 13.11 -20.12
C GLN A 579 -40.91 12.07 -21.14
N SER B 8 21.05 24.05 4.82
CA SER B 8 19.64 23.93 5.18
C SER B 8 19.41 22.82 6.20
N THR B 9 20.05 21.66 5.96
CA THR B 9 19.77 20.48 6.76
C THR B 9 19.90 20.76 8.25
N TRP B 10 20.94 21.48 8.65
CA TRP B 10 21.07 21.85 10.06
C TRP B 10 20.07 22.92 10.45
N GLN B 11 19.66 23.76 9.50
CA GLN B 11 18.58 24.70 9.77
C GLN B 11 17.27 23.96 10.01
N THR B 12 16.99 22.94 9.18
CA THR B 12 15.85 22.07 9.46
C THR B 12 15.93 21.52 10.87
N PHE B 13 17.09 20.99 11.25
CA PHE B 13 17.25 20.37 12.55
C PHE B 13 16.95 21.36 13.67
N ARG B 14 17.50 22.57 13.57
CA ARG B 14 17.34 23.52 14.66
C ARG B 14 15.89 23.97 14.81
N ARG B 15 15.14 24.01 13.72
CA ARG B 15 13.69 24.17 13.81
C ARG B 15 13.06 23.00 14.55
N LEU B 16 13.62 21.80 14.37
CA LEU B 16 13.08 20.61 15.00
C LEU B 16 13.44 20.54 16.48
N TRP B 17 14.65 20.96 16.83
CA TRP B 17 15.14 20.81 18.20
C TRP B 17 14.13 21.22 19.25
N PRO B 18 13.34 22.29 19.08
CA PRO B 18 12.31 22.61 20.07
C PRO B 18 11.42 21.43 20.42
N THR B 19 10.89 20.72 19.42
CA THR B 19 10.07 19.55 19.70
C THR B 19 10.84 18.50 20.49
N ILE B 20 12.17 18.47 20.35
CA ILE B 20 12.97 17.50 21.08
C ILE B 20 13.42 18.03 22.44
N ALA B 21 13.69 19.34 22.54
CA ALA B 21 14.29 19.88 23.75
C ALA B 21 13.61 19.42 25.04
N PRO B 22 12.28 19.32 25.12
CA PRO B 22 11.66 18.88 26.37
C PRO B 22 12.17 17.54 26.86
N PHE B 23 12.72 16.71 25.97
CA PHE B 23 13.13 15.36 26.30
C PHE B 23 14.65 15.19 26.29
N LYS B 24 15.41 16.28 26.27
CA LYS B 24 16.86 16.16 26.22
C LYS B 24 17.40 15.33 27.38
N ALA B 25 16.74 15.37 28.54
CA ALA B 25 17.21 14.61 29.69
C ALA B 25 17.44 13.14 29.33
N GLY B 26 16.49 12.54 28.60
CA GLY B 26 16.68 11.17 28.15
C GLY B 26 17.89 11.01 27.26
N LEU B 27 18.13 12.01 26.40
CA LEU B 27 19.31 11.97 25.53
C LEU B 27 20.59 11.92 26.35
N ILE B 28 20.73 12.81 27.34
CA ILE B 28 22.01 12.92 28.04
C ILE B 28 22.28 11.66 28.85
N VAL B 29 21.25 11.05 29.46
CA VAL B 29 21.46 9.77 30.11
C VAL B 29 21.79 8.69 29.08
N ALA B 30 21.08 8.70 27.95
CA ALA B 30 21.41 7.74 26.88
C ALA B 30 22.86 7.91 26.44
N GLY B 31 23.33 9.17 26.37
CA GLY B 31 24.71 9.41 25.99
C GLY B 31 25.70 8.76 26.95
N VAL B 32 25.48 8.95 28.25
CA VAL B 32 26.35 8.33 29.25
C VAL B 32 26.37 6.82 29.07
N ALA B 33 25.19 6.22 28.90
CA ALA B 33 25.11 4.76 28.78
C ALA B 33 25.90 4.29 27.56
N LEU B 34 25.79 5.01 26.44
CA LEU B 34 26.53 4.65 25.24
C LEU B 34 28.04 4.69 25.49
N ILE B 35 28.53 5.76 26.13
CA ILE B 35 29.96 5.87 26.41
C ILE B 35 30.43 4.64 27.17
N LEU B 36 29.75 4.33 28.27
CA LEU B 36 30.20 3.23 29.12
C LEU B 36 30.23 1.91 28.37
N ASN B 37 29.23 1.67 27.50
CA ASN B 37 29.24 0.43 26.73
C ASN B 37 30.53 0.32 25.92
N ALA B 38 30.92 1.40 25.24
CA ALA B 38 32.20 1.41 24.55
C ALA B 38 33.35 1.13 25.51
N ALA B 39 33.32 1.75 26.68
CA ALA B 39 34.35 1.49 27.70
C ALA B 39 34.40 0.01 28.06
N SER B 40 33.24 -0.60 28.29
CA SER B 40 33.21 -2.02 28.62
C SER B 40 33.88 -2.85 27.53
N ASP B 41 33.54 -2.58 26.27
CA ASP B 41 34.09 -3.36 25.17
C ASP B 41 35.58 -3.14 25.03
N THR B 42 36.04 -1.90 25.18
CA THR B 42 37.48 -1.64 25.16
C THR B 42 38.17 -2.34 26.31
N PHE B 43 37.61 -2.20 27.52
CA PHE B 43 38.19 -2.80 28.71
C PHE B 43 38.33 -4.32 28.58
N MET B 44 37.41 -4.97 27.88
CA MET B 44 37.46 -6.43 27.77
C MET B 44 38.65 -6.86 26.93
N LEU B 45 38.98 -6.12 25.87
CA LEU B 45 40.19 -6.41 25.11
C LEU B 45 41.44 -6.14 25.95
N SER B 46 41.40 -5.11 26.81
CA SER B 46 42.48 -4.87 27.76
C SER B 46 42.79 -6.13 28.55
N LEU B 47 41.74 -6.78 29.07
CA LEU B 47 41.92 -8.01 29.83
C LEU B 47 42.66 -9.08 29.03
N LEU B 48 42.51 -9.05 27.71
CA LEU B 48 43.05 -10.12 26.89
C LEU B 48 44.57 -10.19 26.95
N LYS B 49 45.24 -9.09 27.31
CA LYS B 49 46.70 -9.17 27.48
C LYS B 49 47.07 -9.99 28.69
N PRO B 50 46.62 -9.68 29.91
CA PRO B 50 47.00 -10.52 31.06
C PRO B 50 46.70 -12.00 30.87
N LEU B 51 45.59 -12.36 30.25
CA LEU B 51 45.28 -13.79 30.11
C LEU B 51 46.40 -14.55 29.42
N LEU B 52 47.12 -13.89 28.51
CA LEU B 52 48.19 -14.53 27.75
C LEU B 52 49.57 -14.27 28.32
N ASP B 53 49.84 -13.05 28.76
CA ASP B 53 51.15 -12.77 29.36
C ASP B 53 51.16 -13.20 30.82
N ASP B 54 50.46 -12.46 31.68
CA ASP B 54 50.35 -12.86 33.08
C ASP B 54 49.65 -14.20 33.23
N GLY B 55 48.57 -14.40 32.46
CA GLY B 55 47.83 -15.65 32.57
C GLY B 55 48.63 -16.86 32.13
N PHE B 56 49.38 -16.72 31.04
CA PHE B 56 50.13 -17.84 30.49
C PHE B 56 51.58 -17.88 30.94
N GLY B 57 52.01 -16.93 31.77
CA GLY B 57 53.30 -17.05 32.44
C GLY B 57 53.19 -17.85 33.72
N LYS B 58 52.72 -19.09 33.61
CA LYS B 58 52.69 -20.04 34.71
C LYS B 58 51.87 -19.54 35.91
N THR B 59 50.85 -18.72 35.68
CA THR B 59 50.03 -18.17 36.77
C THR B 59 48.62 -18.75 36.66
N ASP B 60 48.30 -19.66 37.59
CA ASP B 60 46.94 -20.18 37.69
C ASP B 60 45.98 -19.13 38.23
N ARG B 61 46.47 -18.21 39.06
CA ARG B 61 45.57 -17.26 39.73
C ARG B 61 44.83 -16.37 38.73
N SER B 62 45.54 -15.91 37.69
CA SER B 62 44.91 -14.99 36.75
C SER B 62 43.70 -15.64 36.08
N VAL B 63 43.90 -16.81 35.47
CA VAL B 63 42.85 -17.48 34.71
C VAL B 63 41.63 -17.82 35.57
N LEU B 64 41.75 -17.77 36.90
CA LEU B 64 40.63 -18.10 37.75
C LEU B 64 39.84 -16.88 38.22
N VAL B 65 40.50 -15.92 38.86
CA VAL B 65 39.79 -14.81 39.47
C VAL B 65 39.51 -13.73 38.41
N TRP B 66 40.55 -12.99 38.04
CA TRP B 66 40.36 -11.79 37.23
C TRP B 66 39.44 -12.07 36.03
N MET B 67 39.75 -13.11 35.25
CA MET B 67 39.07 -13.31 33.97
C MET B 67 37.58 -13.62 34.14
N PRO B 68 37.19 -14.81 34.59
CA PRO B 68 35.75 -15.14 34.51
C PRO B 68 34.89 -14.16 35.28
N LEU B 69 35.31 -13.76 36.48
CA LEU B 69 34.47 -12.88 37.30
C LEU B 69 34.39 -11.48 36.72
N VAL B 70 35.50 -10.93 36.22
CA VAL B 70 35.46 -9.59 35.63
C VAL B 70 34.66 -9.63 34.33
N VAL B 71 34.93 -10.62 33.47
CA VAL B 71 34.22 -10.67 32.20
C VAL B 71 32.71 -10.66 32.45
N ILE B 72 32.25 -11.47 33.42
CA ILE B 72 30.84 -11.47 33.75
C ILE B 72 30.43 -10.09 34.27
N GLY B 73 31.20 -9.56 35.23
CA GLY B 73 30.93 -8.21 35.69
C GLY B 73 30.77 -7.23 34.55
N LEU B 74 31.70 -7.28 33.59
CA LEU B 74 31.62 -6.37 32.44
C LEU B 74 30.39 -6.66 31.59
N MET B 75 30.05 -7.94 31.41
CA MET B 75 28.86 -8.27 30.63
C MET B 75 27.62 -7.67 31.27
N ILE B 76 27.54 -7.69 32.60
CA ILE B 76 26.38 -7.10 33.28
C ILE B 76 26.32 -5.61 33.00
N LEU B 77 27.47 -4.94 33.04
CA LEU B 77 27.50 -3.51 32.73
C LEU B 77 27.20 -3.27 31.26
N ARG B 78 27.67 -4.17 30.39
CA ARG B 78 27.37 -4.05 28.96
C ARG B 78 25.88 -4.14 28.70
N GLY B 79 25.19 -5.06 29.40
CA GLY B 79 23.76 -5.22 29.19
C GLY B 79 22.95 -4.07 29.73
N ILE B 80 23.20 -3.69 30.99
CA ILE B 80 22.44 -2.61 31.62
C ILE B 80 22.50 -1.36 30.74
N THR B 81 23.72 -0.91 30.45
CA THR B 81 23.89 0.35 29.72
C THR B 81 23.18 0.30 28.38
N SER B 82 23.34 -0.79 27.63
CA SER B 82 22.62 -0.95 26.38
C SER B 82 21.12 -0.88 26.60
N TYR B 83 20.62 -1.60 27.61
CA TYR B 83 19.21 -1.52 27.95
C TYR B 83 18.81 -0.07 28.25
N VAL B 84 19.58 0.61 29.09
CA VAL B 84 19.24 1.98 29.47
C VAL B 84 19.19 2.87 28.23
N SER B 85 20.27 2.87 27.45
CA SER B 85 20.34 3.73 26.28
C SER B 85 19.19 3.46 25.32
N SER B 86 18.94 2.18 25.04
CA SER B 86 17.81 1.80 24.19
C SER B 86 16.52 2.39 24.73
N TYR B 87 16.25 2.17 26.03
CA TYR B 87 15.02 2.69 26.61
C TYR B 87 14.96 4.21 26.47
N CYS B 88 16.03 4.90 26.84
CA CYS B 88 16.07 6.36 26.73
C CYS B 88 15.83 6.81 25.29
N ILE B 89 16.63 6.30 24.36
CA ILE B 89 16.45 6.66 22.95
C ILE B 89 15.03 6.35 22.50
N SER B 90 14.58 5.12 22.73
CA SER B 90 13.23 4.73 22.34
C SER B 90 12.22 5.70 22.89
N TRP B 91 12.31 6.00 24.18
CA TRP B 91 11.39 6.91 24.84
C TRP B 91 11.36 8.25 24.10
N VAL B 92 12.51 8.91 24.01
CA VAL B 92 12.58 10.18 23.28
C VAL B 92 12.06 10.01 21.86
N SER B 93 12.60 9.03 21.13
CA SER B 93 12.16 8.80 19.77
C SER B 93 10.66 8.64 19.70
N GLY B 94 10.08 7.88 20.64
CA GLY B 94 8.64 7.76 20.69
C GLY B 94 7.95 9.08 20.95
N LYS B 95 8.51 9.87 21.87
CA LYS B 95 7.86 11.15 22.23
C LYS B 95 7.78 12.09 21.05
N VAL B 96 8.90 12.29 20.33
CA VAL B 96 8.87 13.26 19.25
C VAL B 96 8.07 12.74 18.06
N VAL B 97 8.11 11.43 17.80
CA VAL B 97 7.29 10.87 16.72
C VAL B 97 5.82 11.15 17.00
N MET B 98 5.37 10.86 18.23
CA MET B 98 4.00 11.12 18.61
C MET B 98 3.63 12.59 18.43
N THR B 99 4.47 13.49 18.94
CA THR B 99 4.15 14.92 18.88
C THR B 99 3.96 15.38 17.43
N MET B 100 4.90 15.03 16.54
CA MET B 100 4.79 15.48 15.17
C MET B 100 3.61 14.84 14.46
N ARG B 101 3.31 13.58 14.74
CA ARG B 101 2.12 12.94 14.16
C ARG B 101 0.86 13.70 14.54
N ARG B 102 0.81 14.21 15.77
CA ARG B 102 -0.37 14.92 16.25
C ARG B 102 -0.49 16.31 15.62
N ARG B 103 0.64 16.99 15.42
CA ARG B 103 0.61 18.26 14.72
C ARG B 103 0.18 18.09 13.28
N LEU B 104 0.75 17.11 12.60
CA LEU B 104 0.39 16.88 11.20
C LEU B 104 -1.07 16.47 11.05
N PHE B 105 -1.55 15.60 11.94
CA PHE B 105 -2.95 15.23 11.91
C PHE B 105 -3.84 16.46 12.05
N GLY B 106 -3.66 17.20 13.14
CA GLY B 106 -4.46 18.40 13.35
C GLY B 106 -4.32 19.39 12.21
N HIS B 107 -3.08 19.64 11.77
CA HIS B 107 -2.86 20.64 10.75
C HIS B 107 -3.58 20.29 9.45
N MET B 108 -3.41 19.04 8.99
CA MET B 108 -4.01 18.65 7.72
C MET B 108 -5.53 18.71 7.77
N MET B 109 -6.13 18.29 8.88
CA MET B 109 -7.57 18.35 9.02
C MET B 109 -8.09 19.77 8.88
N GLY B 110 -7.31 20.76 9.32
CA GLY B 110 -7.73 22.14 9.26
C GLY B 110 -7.51 22.83 7.94
N MET B 111 -6.77 22.21 7.03
CA MET B 111 -6.45 22.81 5.74
C MET B 111 -7.72 22.95 4.90
N PRO B 112 -7.68 23.72 3.82
CA PRO B 112 -8.83 23.80 2.91
C PRO B 112 -8.82 22.68 1.89
N VAL B 113 -10.00 22.44 1.29
CA VAL B 113 -10.12 21.36 0.33
C VAL B 113 -9.18 21.57 -0.85
N SER B 114 -8.89 22.83 -1.18
CA SER B 114 -7.88 23.09 -2.19
C SER B 114 -6.59 22.33 -1.89
N PHE B 115 -6.16 22.35 -0.62
CA PHE B 115 -4.97 21.59 -0.24
C PHE B 115 -5.14 20.12 -0.55
N PHE B 116 -6.33 19.56 -0.31
CA PHE B 116 -6.54 18.12 -0.43
C PHE B 116 -6.64 17.66 -1.87
N ASP B 117 -6.91 18.58 -2.81
CA ASP B 117 -6.97 18.17 -4.20
C ASP B 117 -5.58 17.94 -4.78
N LYS B 118 -4.62 18.79 -4.42
CA LYS B 118 -3.25 18.63 -4.91
C LYS B 118 -2.75 17.22 -4.70
N GLN B 119 -2.61 16.81 -3.45
CA GLN B 119 -1.87 15.62 -3.09
C GLN B 119 -2.78 14.41 -2.98
N SER B 120 -2.17 13.23 -3.12
CA SER B 120 -2.85 11.98 -2.87
C SER B 120 -3.17 11.85 -1.39
N THR B 121 -4.28 11.18 -1.08
CA THR B 121 -4.56 10.86 0.32
C THR B 121 -3.54 9.86 0.86
N GLY B 122 -3.02 8.99 -0.01
CA GLY B 122 -1.97 8.08 0.41
C GLY B 122 -0.67 8.78 0.71
N THR B 123 -0.34 9.81 -0.08
CA THR B 123 0.88 10.58 0.18
C THR B 123 0.80 11.23 1.56
N LEU B 124 -0.28 11.95 1.84
CA LEU B 124 -0.42 12.61 3.13
C LEU B 124 -0.42 11.60 4.26
N LEU B 125 -1.12 10.48 4.08
CA LEU B 125 -1.06 9.40 5.06
C LEU B 125 0.36 8.90 5.24
N SER B 126 1.08 8.71 4.14
CA SER B 126 2.48 8.28 4.22
C SER B 126 3.28 9.22 5.10
N ARG B 127 3.02 10.52 5.00
CA ARG B 127 3.71 11.49 5.84
C ARG B 127 3.51 11.18 7.32
N ILE B 128 2.27 10.89 7.71
CA ILE B 128 1.98 10.65 9.12
C ILE B 128 2.63 9.37 9.60
N THR B 129 2.41 8.26 8.88
CA THR B 129 2.86 6.98 9.37
C THR B 129 4.38 6.84 9.30
N TYR B 130 4.95 7.06 8.12
CA TYR B 130 6.34 6.73 7.85
C TYR B 130 7.31 7.88 8.09
N ASP B 131 7.03 9.05 7.52
CA ASP B 131 8.04 10.11 7.48
C ASP B 131 8.37 10.63 8.87
N SER B 132 7.40 10.62 9.79
CA SER B 132 7.69 11.05 11.16
C SER B 132 8.56 10.02 11.88
N GLU B 133 8.21 8.74 11.83
CA GLU B 133 9.05 7.75 12.48
C GLU B 133 10.42 7.66 11.83
N GLN B 134 10.53 8.03 10.56
CA GLN B 134 11.83 7.97 9.89
C GLN B 134 12.78 9.04 10.44
N VAL B 135 12.30 10.28 10.60
CA VAL B 135 13.20 11.36 11.00
C VAL B 135 13.78 11.08 12.39
N ALA B 136 12.93 10.68 13.33
CA ALA B 136 13.43 10.29 14.64
C ALA B 136 14.39 9.12 14.54
N SER B 137 14.01 8.11 13.74
CA SER B 137 14.85 6.94 13.54
C SER B 137 16.24 7.34 13.07
N SER B 138 16.32 8.10 11.98
CA SER B 138 17.62 8.44 11.41
C SER B 138 18.45 9.28 12.38
N SER B 139 17.83 10.26 13.02
CA SER B 139 18.57 11.10 13.96
C SER B 139 19.01 10.31 15.19
N SER B 140 18.16 9.43 15.70
CA SER B 140 18.55 8.56 16.81
C SER B 140 19.73 7.69 16.42
N GLY B 141 19.65 7.03 15.25
CA GLY B 141 20.78 6.25 14.77
C GLY B 141 22.03 7.10 14.61
N ALA B 142 21.87 8.30 14.04
CA ALA B 142 22.99 9.22 13.93
C ALA B 142 23.62 9.48 15.29
N LEU B 143 22.81 9.93 16.25
CA LEU B 143 23.33 10.23 17.57
C LEU B 143 24.01 9.02 18.19
N ILE B 144 23.31 7.89 18.23
CA ILE B 144 23.90 6.69 18.83
C ILE B 144 25.24 6.39 18.19
N THR B 145 25.27 6.34 16.86
CA THR B 145 26.50 5.99 16.16
C THR B 145 27.63 6.94 16.54
N VAL B 146 27.39 8.25 16.44
CA VAL B 146 28.43 9.23 16.79
C VAL B 146 28.97 8.92 18.18
N VAL B 147 28.09 8.97 19.18
CA VAL B 147 28.51 8.92 20.58
C VAL B 147 29.29 7.63 20.85
N ARG B 148 28.65 6.48 20.64
CA ARG B 148 29.29 5.22 21.03
C ARG B 148 30.45 4.89 20.10
N GLU B 149 30.24 4.97 18.78
CA GLU B 149 31.32 4.65 17.86
C GLU B 149 32.45 5.67 17.98
N GLY B 150 32.11 6.93 18.22
CA GLY B 150 33.09 7.92 18.59
C GLY B 150 33.90 7.45 19.78
N ALA B 151 33.22 7.13 20.87
CA ALA B 151 33.89 6.65 22.07
C ALA B 151 34.71 5.39 21.76
N SER B 152 34.12 4.44 21.05
CA SER B 152 34.80 3.19 20.78
C SER B 152 36.16 3.41 20.13
N ILE B 153 36.23 4.23 19.08
CA ILE B 153 37.46 4.32 18.31
C ILE B 153 38.55 5.06 19.08
N ILE B 154 38.20 6.09 19.85
CA ILE B 154 39.25 6.77 20.60
C ILE B 154 39.74 5.90 21.74
N GLY B 155 38.84 5.16 22.39
CA GLY B 155 39.28 4.19 23.38
C GLY B 155 40.17 3.13 22.77
N LEU B 156 39.84 2.69 21.56
CA LEU B 156 40.65 1.67 20.90
C LEU B 156 41.98 2.24 20.43
N PHE B 157 41.97 3.43 19.85
CA PHE B 157 43.23 4.01 19.35
C PHE B 157 44.19 4.28 20.50
N ILE B 158 43.71 4.87 21.59
CA ILE B 158 44.55 5.05 22.77
C ILE B 158 45.25 3.74 23.11
N MET B 159 44.45 2.72 23.38
CA MET B 159 44.98 1.41 23.75
C MET B 159 45.99 0.92 22.72
N MET B 160 45.63 1.00 21.43
CA MET B 160 46.54 0.58 20.38
C MET B 160 47.89 1.28 20.51
N PHE B 161 47.87 2.61 20.55
CA PHE B 161 49.12 3.37 20.65
C PHE B 161 49.89 3.00 21.89
N TYR B 162 49.17 2.75 22.98
CA TYR B 162 49.82 2.53 24.27
C TYR B 162 50.68 1.28 24.26
N TYR B 163 50.15 0.16 23.77
CA TYR B 163 50.90 -1.10 23.79
C TYR B 163 51.80 -1.31 22.59
N SER B 164 51.59 -0.57 21.52
CA SER B 164 52.54 -0.57 20.42
C SER B 164 52.32 0.64 19.53
N TRP B 165 52.85 1.78 19.95
CA TRP B 165 52.69 3.00 19.18
C TRP B 165 53.28 2.87 17.78
N GLN B 166 54.34 2.09 17.63
CA GLN B 166 54.91 1.84 16.30
C GLN B 166 53.85 1.36 15.33
N LEU B 167 53.15 0.28 15.69
CA LEU B 167 52.15 -0.29 14.81
C LEU B 167 51.00 0.67 14.59
N SER B 168 50.56 1.34 15.66
CA SER B 168 49.45 2.27 15.52
C SER B 168 49.79 3.38 14.53
N ILE B 169 51.03 3.89 14.56
CA ILE B 169 51.36 4.97 13.65
C ILE B 169 51.54 4.47 12.22
N ILE B 170 52.01 3.23 12.04
CA ILE B 170 51.93 2.64 10.70
C ILE B 170 50.50 2.70 10.20
N LEU B 171 49.59 2.06 10.94
CA LEU B 171 48.20 1.99 10.54
C LEU B 171 47.65 3.38 10.22
N ILE B 172 48.00 4.37 11.04
CA ILE B 172 47.52 5.73 10.82
C ILE B 172 47.97 6.24 9.46
N VAL B 173 49.27 6.14 9.17
CA VAL B 173 49.78 6.70 7.91
C VAL B 173 49.06 6.08 6.73
N LEU B 174 48.53 4.87 6.90
CA LEU B 174 47.79 4.22 5.82
C LEU B 174 46.34 4.66 5.75
N ALA B 175 45.80 5.25 6.82
CA ALA B 175 44.38 5.59 6.83
C ALA B 175 43.96 6.48 5.68
N PRO B 176 44.70 7.53 5.31
CA PRO B 176 44.29 8.34 4.15
C PRO B 176 44.08 7.50 2.90
N ILE B 177 45.04 6.66 2.54
CA ILE B 177 44.93 5.82 1.35
C ILE B 177 43.66 4.99 1.41
N VAL B 178 43.50 4.22 2.49
CA VAL B 178 42.32 3.39 2.65
C VAL B 178 41.05 4.24 2.53
N SER B 179 41.04 5.40 3.18
CA SER B 179 39.87 6.28 3.11
C SER B 179 39.53 6.62 1.68
N ILE B 180 40.51 7.10 0.91
CA ILE B 180 40.25 7.50 -0.47
C ILE B 180 39.82 6.29 -1.31
N ALA B 181 40.55 5.19 -1.18
CA ALA B 181 40.22 4.00 -1.97
C ALA B 181 38.80 3.54 -1.69
N ILE B 182 38.38 3.60 -0.42
CA ILE B 182 37.03 3.17 -0.06
C ILE B 182 35.98 4.13 -0.62
N ARG B 183 36.31 5.42 -0.67
CA ARG B 183 35.43 6.38 -1.34
C ARG B 183 35.15 5.97 -2.78
N VAL B 184 36.19 5.55 -3.50
CA VAL B 184 36.10 5.42 -4.95
C VAL B 184 35.09 4.36 -5.35
N VAL B 185 35.08 3.21 -4.68
CA VAL B 185 34.13 2.18 -5.11
C VAL B 185 32.74 2.43 -4.52
N SER B 186 32.65 3.02 -3.34
CA SER B 186 31.34 3.35 -2.77
C SER B 186 30.60 4.35 -3.66
N ASN B 198 10.51 2.77 -9.47
CA ASN B 198 10.10 3.31 -10.76
C ASN B 198 9.42 2.24 -11.61
N THR B 199 10.16 1.17 -11.91
CA THR B 199 9.53 0.00 -12.52
C THR B 199 8.56 -0.65 -11.55
N MET B 200 8.89 -0.66 -10.26
CA MET B 200 7.95 -1.13 -9.25
C MET B 200 6.63 -0.38 -9.36
N GLY B 201 6.70 0.95 -9.54
CA GLY B 201 5.49 1.68 -9.87
C GLY B 201 4.80 1.14 -11.10
N GLN B 202 5.59 0.80 -12.12
CA GLN B 202 5.02 0.20 -13.33
C GLN B 202 4.44 -1.18 -13.05
N VAL B 203 5.05 -1.95 -12.14
CA VAL B 203 4.49 -3.26 -11.79
C VAL B 203 3.11 -3.08 -11.17
N THR B 204 3.04 -2.29 -10.10
CA THR B 204 1.75 -1.98 -9.48
C THR B 204 0.78 -1.45 -10.52
N THR B 205 1.23 -0.51 -11.35
CA THR B 205 0.39 0.05 -12.40
C THR B 205 -0.15 -1.05 -13.31
N SER B 206 0.73 -1.91 -13.82
CA SER B 206 0.31 -2.93 -14.78
C SER B 206 -0.75 -3.84 -14.17
N ALA B 207 -0.48 -4.39 -12.99
CA ALA B 207 -1.46 -5.24 -12.32
C ALA B 207 -2.73 -4.46 -12.04
N GLU B 208 -2.60 -3.24 -11.54
CA GLU B 208 -3.79 -2.46 -11.17
C GLU B 208 -4.63 -2.12 -12.40
N GLN B 209 -3.99 -1.79 -13.52
CA GLN B 209 -4.75 -1.40 -14.72
C GLN B 209 -5.50 -2.59 -15.30
N MET B 210 -4.93 -3.80 -15.22
CA MET B 210 -5.69 -4.99 -15.59
C MET B 210 -6.89 -5.16 -14.67
N LEU B 211 -6.69 -4.95 -13.37
CA LEU B 211 -7.77 -5.16 -12.42
C LEU B 211 -8.86 -4.11 -12.55
N LYS B 212 -8.51 -2.89 -12.93
CA LYS B 212 -9.53 -1.89 -13.21
C LYS B 212 -10.30 -2.21 -14.49
N GLY B 213 -9.65 -2.82 -15.47
CA GLY B 213 -10.30 -3.13 -16.73
C GLY B 213 -10.65 -4.60 -16.90
N HIS B 214 -10.90 -5.30 -15.78
CA HIS B 214 -11.18 -6.73 -15.84
C HIS B 214 -12.31 -7.03 -16.82
N LYS B 215 -13.45 -6.33 -16.66
CA LYS B 215 -14.61 -6.61 -17.48
C LYS B 215 -14.31 -6.35 -18.96
N GLU B 216 -13.66 -5.23 -19.27
CA GLU B 216 -13.23 -4.98 -20.64
C GLU B 216 -12.34 -6.11 -21.14
N VAL B 217 -11.37 -6.53 -20.33
CA VAL B 217 -10.46 -7.59 -20.75
C VAL B 217 -11.24 -8.84 -21.11
N LEU B 218 -12.31 -9.13 -20.38
CA LEU B 218 -13.01 -10.39 -20.58
C LEU B 218 -13.73 -10.44 -21.94
N ILE B 219 -14.30 -9.31 -22.39
CA ILE B 219 -15.17 -9.39 -23.57
C ILE B 219 -14.46 -9.07 -24.88
N PHE B 220 -13.24 -8.52 -24.85
CA PHE B 220 -12.42 -8.42 -26.05
C PHE B 220 -11.36 -9.51 -26.12
N GLY B 221 -11.31 -10.41 -25.14
CA GLY B 221 -10.34 -11.47 -25.13
C GLY B 221 -8.93 -10.93 -25.06
N GLY B 222 -8.73 -9.96 -24.17
CA GLY B 222 -7.44 -9.32 -24.05
C GLY B 222 -6.51 -10.02 -23.08
N GLN B 223 -6.82 -11.27 -22.73
CA GLN B 223 -5.99 -11.99 -21.78
C GLN B 223 -4.54 -12.10 -22.28
N GLU B 224 -4.36 -12.41 -23.55
CA GLU B 224 -3.01 -12.61 -24.07
C GLU B 224 -2.17 -11.34 -23.96
N VAL B 225 -2.72 -10.20 -24.39
CA VAL B 225 -1.92 -8.98 -24.47
C VAL B 225 -1.59 -8.49 -23.06
N GLU B 226 -2.49 -8.66 -22.11
CA GLU B 226 -2.21 -8.27 -20.73
C GLU B 226 -1.16 -9.19 -20.11
N THR B 227 -1.20 -10.48 -20.43
CA THR B 227 -0.18 -11.40 -19.93
C THR B 227 1.19 -10.98 -20.41
N LYS B 228 1.32 -10.73 -21.72
CA LYS B 228 2.61 -10.31 -22.28
C LYS B 228 3.03 -8.96 -21.71
N ARG B 229 2.09 -8.02 -21.56
CA ARG B 229 2.43 -6.73 -20.98
C ARG B 229 3.02 -6.91 -19.58
N PHE B 230 2.36 -7.69 -18.73
CA PHE B 230 2.90 -7.98 -17.40
C PHE B 230 4.27 -8.65 -17.52
N ASP B 231 4.38 -9.65 -18.40
CA ASP B 231 5.66 -10.32 -18.60
C ASP B 231 6.77 -9.31 -18.84
N LYS B 232 6.55 -8.37 -19.76
CA LYS B 232 7.56 -7.34 -20.03
C LYS B 232 7.89 -6.54 -18.78
N VAL B 233 6.86 -6.04 -18.09
CA VAL B 233 7.11 -5.22 -16.90
C VAL B 233 7.79 -6.05 -15.82
N SER B 234 7.26 -7.25 -15.55
CA SER B 234 7.79 -8.06 -14.46
C SER B 234 9.25 -8.45 -14.72
N ASN B 235 9.62 -8.68 -15.99
CA ASN B 235 11.02 -8.99 -16.28
C ASN B 235 11.90 -7.76 -16.12
N ARG B 236 11.42 -6.60 -16.56
CA ARG B 236 12.21 -5.38 -16.39
C ARG B 236 12.54 -5.15 -14.92
N MET B 237 11.57 -5.35 -14.02
CA MET B 237 11.86 -5.12 -12.61
C MET B 237 12.79 -6.18 -12.04
N ARG B 238 12.65 -7.43 -12.48
CA ARG B 238 13.56 -8.46 -12.02
C ARG B 238 15.00 -8.03 -12.24
N LEU B 239 15.31 -7.57 -13.45
CA LEU B 239 16.66 -7.12 -13.77
C LEU B 239 17.00 -5.82 -13.02
N GLN B 240 16.05 -4.91 -12.91
CA GLN B 240 16.29 -3.70 -12.13
C GLN B 240 16.56 -4.03 -10.68
N GLY B 241 15.77 -4.92 -10.08
CA GLY B 241 15.99 -5.32 -8.71
C GLY B 241 17.26 -6.10 -8.52
N MET B 242 17.64 -6.91 -9.51
CA MET B 242 18.94 -7.58 -9.48
C MET B 242 20.06 -6.56 -9.43
N LYS B 243 19.98 -5.53 -10.27
CA LYS B 243 21.04 -4.55 -10.38
C LYS B 243 21.42 -3.99 -9.02
N MET B 244 20.43 -3.59 -8.22
CA MET B 244 20.73 -2.95 -6.93
C MET B 244 21.44 -3.92 -5.99
N VAL B 245 20.96 -5.17 -5.92
CA VAL B 245 21.61 -6.15 -5.06
C VAL B 245 23.04 -6.36 -5.49
N SER B 246 23.26 -6.56 -6.79
CA SER B 246 24.61 -6.77 -7.30
C SER B 246 25.52 -5.60 -6.95
N ALA B 247 25.03 -4.37 -7.14
CA ALA B 247 25.83 -3.18 -6.81
C ALA B 247 26.28 -3.22 -5.35
N SER B 248 25.32 -3.38 -4.43
CA SER B 248 25.65 -3.46 -3.02
C SER B 248 26.64 -4.58 -2.74
N SER B 249 26.50 -5.71 -3.45
CA SER B 249 27.27 -6.90 -3.12
C SER B 249 28.77 -6.66 -3.29
N ILE B 250 29.18 -5.93 -4.33
CA ILE B 250 30.61 -5.79 -4.60
C ILE B 250 31.28 -4.71 -3.77
N SER B 251 30.53 -3.75 -3.24
CA SER B 251 31.16 -2.62 -2.57
C SER B 251 32.03 -3.07 -1.40
N ASP B 252 31.46 -3.88 -0.50
CA ASP B 252 32.16 -4.17 0.76
C ASP B 252 33.26 -5.22 0.62
N PRO B 253 33.14 -6.20 -0.28
CA PRO B 253 34.27 -7.13 -0.47
C PRO B 253 35.57 -6.41 -0.79
N ILE B 254 35.52 -5.33 -1.59
CA ILE B 254 36.71 -4.56 -1.87
C ILE B 254 37.15 -3.79 -0.64
N ILE B 255 36.20 -3.16 0.06
CA ILE B 255 36.53 -2.36 1.23
C ILE B 255 37.33 -3.17 2.23
N GLN B 256 36.87 -4.38 2.54
CA GLN B 256 37.61 -5.24 3.45
C GLN B 256 38.93 -5.68 2.83
N LEU B 257 38.94 -5.95 1.54
CA LEU B 257 40.19 -6.28 0.86
C LEU B 257 41.21 -5.18 1.08
N ILE B 258 40.79 -3.93 0.93
CA ILE B 258 41.69 -2.80 1.07
C ILE B 258 42.14 -2.65 2.53
N ALA B 259 41.19 -2.68 3.46
CA ALA B 259 41.56 -2.68 4.88
C ALA B 259 42.50 -3.83 5.18
N SER B 260 42.19 -5.03 4.67
CA SER B 260 43.05 -6.19 4.88
C SER B 260 44.47 -5.90 4.41
N LEU B 261 44.60 -5.32 3.22
CA LEU B 261 45.92 -4.93 2.72
C LEU B 261 46.66 -4.08 3.74
N ALA B 262 46.01 -3.02 4.23
CA ALA B 262 46.65 -2.17 5.23
C ALA B 262 47.13 -2.98 6.41
N LEU B 263 46.29 -3.89 6.91
CA LEU B 263 46.68 -4.70 8.06
C LEU B 263 47.77 -5.70 7.70
N ALA B 264 47.60 -6.43 6.59
CA ALA B 264 48.65 -7.31 6.12
C ALA B 264 49.99 -6.58 6.16
N PHE B 265 50.01 -5.33 5.68
CA PHE B 265 51.22 -4.54 5.76
C PHE B 265 51.62 -4.28 7.20
N VAL B 266 50.64 -4.00 8.07
CA VAL B 266 50.97 -3.76 9.48
C VAL B 266 51.64 -4.99 10.08
N LEU B 267 51.06 -6.17 9.85
CA LEU B 267 51.68 -7.38 10.35
C LEU B 267 53.04 -7.59 9.72
N TYR B 268 53.17 -7.27 8.43
CA TYR B 268 54.48 -7.32 7.80
C TYR B 268 55.48 -6.49 8.57
N ALA B 269 55.06 -5.32 9.07
CA ALA B 269 55.93 -4.48 9.87
C ALA B 269 56.40 -5.20 11.12
N ALA B 270 55.55 -6.03 11.71
CA ALA B 270 55.93 -6.71 12.93
C ALA B 270 57.14 -7.60 12.74
N SER B 271 57.49 -7.92 11.50
CA SER B 271 58.66 -8.75 11.26
C SER B 271 59.93 -8.07 11.78
N PHE B 272 60.08 -6.78 11.50
CA PHE B 272 61.32 -6.09 11.81
C PHE B 272 61.57 -6.06 13.31
N PRO B 273 62.79 -6.39 13.76
CA PRO B 273 63.07 -6.35 15.20
C PRO B 273 62.70 -5.05 15.89
N SER B 274 62.85 -3.90 15.22
CA SER B 274 62.56 -2.63 15.87
C SER B 274 61.13 -2.59 16.41
N VAL B 275 60.20 -3.18 15.68
CA VAL B 275 58.80 -3.19 16.08
C VAL B 275 58.53 -4.31 17.09
N MET B 276 58.98 -5.52 16.77
CA MET B 276 58.51 -6.72 17.46
C MET B 276 58.97 -6.79 18.91
N ASP B 277 60.16 -6.28 19.21
CA ASP B 277 60.76 -6.53 20.52
C ASP B 277 59.91 -5.99 21.67
N SER B 278 59.09 -4.96 21.41
CA SER B 278 58.21 -4.44 22.44
C SER B 278 56.94 -5.26 22.63
N LEU B 279 56.77 -6.35 21.88
CA LEU B 279 55.51 -7.07 21.83
C LEU B 279 55.61 -8.41 22.55
N THR B 280 54.46 -8.87 23.02
CA THR B 280 54.30 -10.17 23.65
C THR B 280 53.21 -10.93 22.89
N ALA B 281 52.89 -12.13 23.34
CA ALA B 281 51.70 -12.80 22.84
C ALA B 281 50.45 -12.01 23.19
N GLY B 282 50.44 -11.40 24.38
CA GLY B 282 49.24 -10.70 24.82
C GLY B 282 49.06 -9.37 24.10
N THR B 283 50.12 -8.57 23.99
CA THR B 283 50.00 -7.22 23.45
C THR B 283 49.68 -7.26 21.95
N ILE B 284 50.44 -8.04 21.17
CA ILE B 284 50.17 -8.11 19.74
C ILE B 284 48.74 -8.59 19.50
N THR B 285 48.28 -9.51 20.34
CA THR B 285 46.90 -9.97 20.26
C THR B 285 45.92 -8.80 20.41
N VAL B 286 46.05 -8.02 21.49
CA VAL B 286 45.12 -6.92 21.72
C VAL B 286 45.23 -5.87 20.62
N VAL B 287 46.45 -5.59 20.16
CA VAL B 287 46.63 -4.52 19.18
C VAL B 287 45.87 -4.84 17.90
N PHE B 288 46.08 -6.04 17.37
CA PHE B 288 45.32 -6.45 16.19
C PHE B 288 43.83 -6.59 16.50
N SER B 289 43.50 -7.17 17.66
CA SER B 289 42.11 -7.30 18.06
C SER B 289 41.41 -5.95 18.01
N SER B 290 42.09 -4.89 18.45
CA SER B 290 41.50 -3.55 18.45
C SER B 290 41.47 -2.94 17.06
N MET B 291 42.42 -3.31 16.18
CA MET B 291 42.35 -2.85 14.81
C MET B 291 41.11 -3.40 14.10
N ILE B 292 40.80 -4.68 14.34
CA ILE B 292 39.60 -5.27 13.76
C ILE B 292 38.34 -4.69 14.41
N ALA B 293 38.38 -4.50 15.74
CA ALA B 293 37.25 -3.88 16.43
C ALA B 293 36.91 -2.53 15.83
N LEU B 294 37.92 -1.81 15.34
CA LEU B 294 37.70 -0.50 14.73
C LEU B 294 36.88 -0.59 13.45
N MET B 295 36.92 -1.73 12.76
CA MET B 295 36.45 -1.79 11.39
C MET B 295 34.96 -1.44 11.26
N ARG B 296 34.17 -1.61 12.31
CA ARG B 296 32.75 -1.30 12.21
C ARG B 296 32.46 0.13 12.61
N PRO B 297 32.99 0.61 13.74
CA PRO B 297 32.83 2.05 14.06
C PRO B 297 33.16 2.96 12.89
N LEU B 298 34.30 2.72 12.23
CA LEU B 298 34.68 3.56 11.10
C LEU B 298 33.64 3.46 9.99
N LYS B 299 33.14 2.25 9.73
CA LYS B 299 32.06 2.10 8.77
C LYS B 299 30.86 2.95 9.16
N SER B 300 30.39 2.79 10.40
CA SER B 300 29.19 3.49 10.83
C SER B 300 29.39 5.00 10.77
N LEU B 301 30.58 5.47 11.14
CA LEU B 301 30.83 6.91 11.18
C LEU B 301 30.96 7.54 9.81
N THR B 302 31.45 6.79 8.81
CA THR B 302 31.45 7.33 7.46
C THR B 302 30.02 7.54 6.96
N ASN B 303 29.13 6.60 7.25
CA ASN B 303 27.75 6.66 6.79
C ASN B 303 26.83 7.52 7.65
N VAL B 304 27.28 8.02 8.80
CA VAL B 304 26.36 8.70 9.70
C VAL B 304 25.75 9.92 9.03
N ASN B 305 26.56 10.69 8.31
CA ASN B 305 26.06 11.93 7.72
C ASN B 305 24.95 11.65 6.71
N ALA B 306 25.09 10.56 5.96
CA ALA B 306 24.05 10.22 4.97
C ALA B 306 22.70 10.00 5.65
N GLN B 307 22.66 9.15 6.68
CA GLN B 307 21.38 8.88 7.33
C GLN B 307 20.83 10.15 7.98
N PHE B 308 21.69 10.97 8.56
CA PHE B 308 21.22 12.24 9.11
C PHE B 308 20.59 13.09 8.03
N GLN B 309 21.20 13.13 6.85
CA GLN B 309 20.66 13.92 5.74
C GLN B 309 19.24 13.48 5.40
N ARG B 310 19.05 12.18 5.13
CA ARG B 310 17.76 11.70 4.67
C ARG B 310 16.68 11.92 5.73
N GLY B 311 17.06 11.79 7.01
CA GLY B 311 16.14 12.17 8.07
C GLY B 311 15.68 13.61 7.96
N MET B 312 16.64 14.53 7.79
CA MET B 312 16.30 15.96 7.70
C MET B 312 15.57 16.29 6.41
N ALA B 313 15.80 15.54 5.33
CA ALA B 313 15.03 15.77 4.12
C ALA B 313 13.54 15.49 4.36
N ALA B 314 13.23 14.35 4.98
CA ALA B 314 11.85 14.06 5.33
C ALA B 314 11.28 15.11 6.26
N CYS B 315 12.08 15.58 7.23
CA CYS B 315 11.59 16.56 8.18
C CYS B 315 11.24 17.88 7.48
N GLN B 316 12.08 18.33 6.56
CA GLN B 316 11.79 19.57 5.84
C GLN B 316 10.54 19.43 4.99
N THR B 317 10.28 18.22 4.46
CA THR B 317 8.99 17.95 3.84
C THR B 317 7.84 18.18 4.83
N LEU B 318 7.92 17.56 6.00
CA LEU B 318 6.90 17.76 7.02
C LEU B 318 6.75 19.24 7.35
N PHE B 319 7.87 19.93 7.55
CA PHE B 319 7.81 21.35 7.88
C PHE B 319 7.20 22.16 6.75
N THR B 320 7.43 21.76 5.50
CA THR B 320 6.72 22.38 4.38
C THR B 320 5.20 22.32 4.62
N ILE B 321 4.68 21.11 4.87
CA ILE B 321 3.26 20.94 5.09
C ILE B 321 2.81 21.78 6.28
N LEU B 322 3.56 21.72 7.39
CA LEU B 322 3.16 22.44 8.59
C LEU B 322 3.20 23.95 8.42
N ASP B 323 3.94 24.46 7.43
CA ASP B 323 3.94 25.88 7.15
C ASP B 323 2.71 26.29 6.36
N SER B 324 2.15 25.39 5.55
CA SER B 324 0.96 25.70 4.78
C SER B 324 -0.15 26.23 5.68
N GLU B 325 -0.87 27.22 5.19
CA GLU B 325 -1.90 27.88 5.95
C GLU B 325 -3.19 27.07 5.99
N GLN B 326 -3.79 26.97 7.17
CA GLN B 326 -5.09 26.33 7.30
C GLN B 326 -6.19 27.30 6.85
N GLU B 327 -7.37 26.75 6.57
CA GLU B 327 -8.43 27.58 6.02
C GLU B 327 -8.80 28.67 7.00
N LYS B 328 -8.94 29.90 6.47
CA LYS B 328 -9.17 31.07 7.30
C LYS B 328 -10.61 31.07 7.80
N ASP B 329 -10.77 31.28 9.12
CA ASP B 329 -12.07 31.27 9.77
C ASP B 329 -12.20 32.54 10.61
N GLU B 330 -12.39 33.67 9.93
CA GLU B 330 -12.45 34.96 10.58
C GLU B 330 -13.85 35.48 10.80
N GLY B 331 -14.88 34.68 10.48
CA GLY B 331 -16.22 35.05 10.83
C GLY B 331 -16.40 35.04 12.34
N LYS B 332 -16.81 36.18 12.90
CA LYS B 332 -17.01 36.32 14.33
C LYS B 332 -18.48 36.24 14.72
N ARG B 333 -19.34 35.82 13.80
CA ARG B 333 -20.77 35.78 14.03
C ARG B 333 -21.24 34.33 14.18
N VAL B 334 -22.04 34.10 15.20
CA VAL B 334 -22.67 32.81 15.47
C VAL B 334 -24.17 33.00 15.34
N ILE B 335 -24.83 32.06 14.68
CA ILE B 335 -26.29 32.02 14.68
C ILE B 335 -26.74 30.60 14.97
N GLU B 336 -27.50 30.43 16.06
CA GLU B 336 -27.72 29.10 16.61
C GLU B 336 -28.53 28.22 15.68
N ARG B 337 -29.48 28.81 14.96
CA ARG B 337 -30.26 28.10 13.97
C ARG B 337 -30.63 29.08 12.87
N ALA B 338 -30.60 28.61 11.63
CA ALA B 338 -31.01 29.40 10.48
C ALA B 338 -32.35 28.86 9.99
N THR B 339 -33.43 29.57 10.32
CA THR B 339 -34.73 29.33 9.71
C THR B 339 -34.95 30.43 8.67
N GLY B 340 -34.11 30.41 7.64
CA GLY B 340 -34.04 31.50 6.70
C GLY B 340 -33.55 31.03 5.35
N ASP B 341 -33.75 31.90 4.36
CA ASP B 341 -33.36 31.61 3.00
C ASP B 341 -31.85 31.76 2.83
N VAL B 342 -31.34 31.22 1.73
CA VAL B 342 -30.00 31.53 1.25
C VAL B 342 -30.16 32.33 -0.03
N GLU B 343 -29.48 33.47 -0.10
CA GLU B 343 -29.50 34.31 -1.30
C GLU B 343 -28.11 34.41 -1.87
N PHE B 344 -28.01 34.19 -3.18
CA PHE B 344 -26.79 34.40 -3.96
C PHE B 344 -26.92 35.74 -4.67
N ARG B 345 -25.88 36.57 -4.57
CA ARG B 345 -25.86 37.88 -5.23
C ARG B 345 -24.68 37.96 -6.20
N ASN B 346 -24.99 37.93 -7.49
CA ASN B 346 -24.02 38.19 -8.55
C ASN B 346 -22.68 37.51 -8.25
N VAL B 347 -22.74 36.19 -8.13
CA VAL B 347 -21.60 35.39 -7.70
C VAL B 347 -20.83 34.90 -8.91
N THR B 348 -19.50 34.97 -8.81
CA THR B 348 -18.61 34.30 -9.74
C THR B 348 -17.53 33.61 -8.94
N PHE B 349 -17.20 32.38 -9.32
CA PHE B 349 -16.20 31.61 -8.59
C PHE B 349 -15.30 30.87 -9.58
N THR B 350 -14.01 30.86 -9.27
CA THR B 350 -13.02 30.15 -10.08
C THR B 350 -12.22 29.19 -9.23
N TYR B 351 -11.97 28.01 -9.79
CA TYR B 351 -11.05 27.06 -9.18
C TYR B 351 -9.66 27.65 -9.09
N PRO B 352 -8.95 27.51 -7.98
CA PRO B 352 -7.52 27.83 -7.98
C PRO B 352 -6.77 26.80 -8.81
N GLY B 353 -5.95 27.29 -9.75
CA GLY B 353 -5.22 26.44 -10.67
C GLY B 353 -5.60 26.67 -12.13
N ARG B 354 -6.83 27.14 -12.39
CA ARG B 354 -7.26 27.52 -13.72
C ARG B 354 -8.11 28.77 -13.60
N ASP B 355 -8.32 29.47 -14.72
CA ASP B 355 -9.05 30.74 -14.70
C ASP B 355 -10.21 30.77 -15.68
N VAL B 356 -10.77 29.61 -16.02
CA VAL B 356 -12.04 29.59 -16.74
C VAL B 356 -13.13 29.39 -15.68
N PRO B 357 -13.81 30.45 -15.24
CA PRO B 357 -14.64 30.33 -14.03
C PRO B 357 -15.72 29.26 -14.17
N ALA B 358 -15.85 28.44 -13.14
CA ALA B 358 -16.96 27.48 -13.09
C ALA B 358 -18.31 28.19 -12.94
N LEU B 359 -18.31 29.40 -12.39
CA LEU B 359 -19.54 30.15 -12.19
C LEU B 359 -19.25 31.64 -12.37
N ARG B 360 -20.17 32.33 -13.04
CA ARG B 360 -19.93 33.65 -13.61
C ARG B 360 -20.81 34.74 -13.02
N ASN B 361 -22.14 34.54 -13.03
CA ASN B 361 -23.06 35.49 -12.42
C ASN B 361 -24.28 34.69 -11.99
N ILE B 362 -24.32 34.30 -10.72
CA ILE B 362 -25.36 33.42 -10.22
C ILE B 362 -26.15 34.16 -9.15
N ASN B 363 -27.44 34.29 -9.38
CA ASN B 363 -28.40 34.71 -8.35
C ASN B 363 -29.48 33.64 -8.30
N LEU B 364 -29.62 33.01 -7.15
CA LEU B 364 -30.75 32.14 -6.93
C LEU B 364 -31.15 32.28 -5.48
N LYS B 365 -32.45 32.21 -5.24
CA LYS B 365 -33.02 32.36 -3.92
C LYS B 365 -33.65 31.03 -3.51
N ILE B 366 -32.99 30.34 -2.60
CA ILE B 366 -33.57 29.16 -1.98
C ILE B 366 -34.41 29.66 -0.81
N PRO B 367 -35.69 29.95 -0.98
CA PRO B 367 -36.44 30.53 0.14
C PRO B 367 -36.52 29.52 1.28
N ALA B 368 -36.51 30.04 2.50
CA ALA B 368 -36.59 29.19 3.68
C ALA B 368 -37.74 28.21 3.57
N GLY B 369 -37.43 26.93 3.67
CA GLY B 369 -38.45 25.91 3.83
C GLY B 369 -38.93 25.24 2.56
N LYS B 370 -38.57 25.75 1.38
CA LYS B 370 -38.98 25.16 0.12
C LYS B 370 -37.79 24.51 -0.58
N THR B 371 -38.12 23.59 -1.48
CA THR B 371 -37.12 22.80 -2.17
C THR B 371 -36.76 23.46 -3.49
N VAL B 372 -35.46 23.64 -3.72
CA VAL B 372 -34.94 24.04 -5.03
C VAL B 372 -34.09 22.91 -5.55
N ALA B 373 -34.43 22.42 -6.74
CA ALA B 373 -33.62 21.47 -7.47
C ALA B 373 -32.97 22.21 -8.63
N LEU B 374 -31.67 22.03 -8.78
CA LEU B 374 -30.95 22.56 -9.93
C LEU B 374 -30.41 21.40 -10.73
N VAL B 375 -30.70 21.40 -12.02
CA VAL B 375 -30.27 20.38 -12.94
C VAL B 375 -29.25 21.00 -13.89
N GLY B 376 -28.32 20.20 -14.36
CA GLY B 376 -27.30 20.70 -15.26
C GLY B 376 -26.59 19.60 -16.01
N ARG B 377 -25.92 20.02 -17.08
CA ARG B 377 -25.07 19.10 -17.81
C ARG B 377 -23.87 18.72 -16.96
N SER B 378 -23.30 17.54 -17.24
CA SER B 378 -22.10 17.10 -16.52
C SER B 378 -21.00 18.14 -16.58
N GLY B 379 -20.89 18.84 -17.71
CA GLY B 379 -19.84 19.84 -17.86
C GLY B 379 -20.01 21.00 -16.91
N SER B 380 -21.26 21.39 -16.63
CA SER B 380 -21.51 22.54 -15.79
C SER B 380 -21.13 22.27 -14.34
N GLY B 381 -20.99 23.36 -13.58
CA GLY B 381 -20.69 23.27 -12.17
C GLY B 381 -21.93 23.32 -11.30
N LYS B 382 -22.91 22.47 -11.60
CA LYS B 382 -24.02 22.25 -10.67
C LYS B 382 -23.47 21.87 -9.30
N SER B 383 -22.49 20.98 -9.28
CA SER B 383 -21.89 20.53 -8.02
C SER B 383 -21.15 21.66 -7.32
N THR B 384 -20.43 22.50 -8.07
CA THR B 384 -19.61 23.53 -7.42
C THR B 384 -20.45 24.47 -6.57
N ILE B 385 -21.68 24.79 -7.00
CA ILE B 385 -22.54 25.61 -6.15
C ILE B 385 -22.67 24.98 -4.77
N ALA B 386 -23.05 23.70 -4.74
CA ALA B 386 -23.24 23.00 -3.47
C ALA B 386 -21.99 23.08 -2.62
N SER B 387 -20.83 22.85 -3.23
CA SER B 387 -19.55 23.06 -2.55
C SER B 387 -19.50 24.43 -1.88
N LEU B 388 -19.97 25.45 -2.59
CA LEU B 388 -19.70 26.82 -2.17
C LEU B 388 -20.49 27.21 -0.91
N ILE B 389 -21.74 26.77 -0.79
CA ILE B 389 -22.55 27.23 0.33
C ILE B 389 -21.93 26.78 1.65
N THR B 390 -21.39 25.56 1.68
CA THR B 390 -20.69 25.08 2.87
C THR B 390 -19.32 25.72 3.04
N ARG B 391 -18.95 26.66 2.17
CA ARG B 391 -17.68 27.38 2.27
C ARG B 391 -16.50 26.43 2.38
N PHE B 392 -16.50 25.41 1.53
CA PHE B 392 -15.27 24.65 1.32
C PHE B 392 -14.26 25.48 0.56
N TYR B 393 -14.73 26.26 -0.41
CA TYR B 393 -13.96 27.24 -1.14
C TYR B 393 -14.63 28.59 -0.97
N ASP B 394 -13.82 29.65 -0.91
CA ASP B 394 -14.37 31.00 -0.86
C ASP B 394 -14.48 31.57 -2.27
N ILE B 395 -15.25 32.64 -2.41
CA ILE B 395 -15.71 33.07 -3.73
C ILE B 395 -14.89 34.25 -4.23
N ASP B 396 -14.83 34.37 -5.56
CA ASP B 396 -14.07 35.44 -6.21
C ASP B 396 -14.83 36.75 -6.18
N GLU B 397 -16.12 36.74 -6.51
CA GLU B 397 -16.91 37.96 -6.54
C GLU B 397 -18.35 37.63 -6.18
N GLY B 398 -19.12 38.69 -5.94
CA GLY B 398 -20.48 38.51 -5.50
C GLY B 398 -20.55 38.23 -4.02
N GLU B 399 -21.68 37.67 -3.61
CA GLU B 399 -21.95 37.42 -2.20
C GLU B 399 -22.93 36.26 -2.06
N ILE B 400 -22.81 35.55 -0.94
CA ILE B 400 -23.83 34.60 -0.50
C ILE B 400 -24.22 34.96 0.91
N LEU B 401 -25.49 35.32 1.11
CA LEU B 401 -25.99 35.67 2.42
C LEU B 401 -27.01 34.63 2.86
N MET B 402 -26.83 34.13 4.09
CA MET B 402 -27.76 33.19 4.71
C MET B 402 -28.39 33.89 5.90
N ASP B 403 -29.71 33.98 5.90
CA ASP B 403 -30.42 34.84 6.84
C ASP B 403 -29.96 36.28 6.69
N GLY B 404 -29.70 36.70 5.45
CA GLY B 404 -29.36 38.07 5.14
C GLY B 404 -27.95 38.49 5.44
N HIS B 405 -27.20 37.72 6.23
CA HIS B 405 -25.78 37.99 6.47
C HIS B 405 -24.93 37.14 5.55
N ASP B 406 -23.88 37.75 5.01
CA ASP B 406 -22.95 37.04 4.14
C ASP B 406 -22.38 35.82 4.87
N LEU B 407 -22.22 34.71 4.15
CA LEU B 407 -21.64 33.52 4.74
C LEU B 407 -20.31 33.82 5.40
N ARG B 408 -19.55 34.74 4.83
CA ARG B 408 -18.22 35.02 5.33
C ARG B 408 -18.27 35.67 6.71
N GLU B 409 -19.37 36.32 7.05
CA GLU B 409 -19.52 36.91 8.39
C GLU B 409 -19.65 35.85 9.48
N TYR B 410 -20.01 34.62 9.14
CA TYR B 410 -20.21 33.57 10.15
C TYR B 410 -18.93 32.79 10.39
N THR B 411 -18.74 32.37 11.63
CA THR B 411 -17.70 31.40 11.95
C THR B 411 -18.07 30.03 11.39
N LEU B 412 -17.05 29.29 10.94
CA LEU B 412 -17.30 28.11 10.13
C LEU B 412 -18.12 27.06 10.86
N ALA B 413 -17.90 26.91 12.17
CA ALA B 413 -18.59 25.84 12.91
C ALA B 413 -20.10 26.02 12.83
N SER B 414 -20.58 27.25 13.05
CA SER B 414 -22.02 27.49 13.04
C SER B 414 -22.61 27.28 11.66
N LEU B 415 -22.04 27.90 10.64
CA LEU B 415 -22.54 27.73 9.28
C LEU B 415 -22.57 26.25 8.91
N ARG B 416 -21.46 25.55 9.11
CA ARG B 416 -21.40 24.13 8.75
C ARG B 416 -22.39 23.30 9.55
N ASN B 417 -22.67 23.71 10.79
CA ASN B 417 -23.71 23.03 11.54
C ASN B 417 -25.08 23.23 10.89
N GLN B 418 -25.31 24.40 10.31
CA GLN B 418 -26.58 24.66 9.62
C GLN B 418 -26.78 23.69 8.47
N VAL B 419 -25.74 23.46 7.69
CA VAL B 419 -25.84 22.68 6.46
C VAL B 419 -25.61 21.21 6.79
N ALA B 420 -26.45 20.35 6.20
CA ALA B 420 -26.23 18.91 6.17
C ALA B 420 -26.09 18.47 4.72
N LEU B 421 -25.24 17.47 4.51
CA LEU B 421 -25.06 16.89 3.19
C LEU B 421 -25.51 15.43 3.20
N VAL B 422 -26.13 15.03 2.10
CA VAL B 422 -26.54 13.65 1.88
C VAL B 422 -26.14 13.26 0.47
N SER B 423 -25.48 12.11 0.33
CA SER B 423 -25.07 11.61 -0.98
C SER B 423 -24.78 10.12 -0.86
N GLN B 424 -24.62 9.50 -2.03
CA GLN B 424 -24.18 8.11 -2.06
C GLN B 424 -22.72 7.98 -1.63
N ASN B 425 -21.91 9.00 -1.85
CA ASN B 425 -20.47 8.92 -1.59
C ASN B 425 -20.04 9.57 -0.28
N VAL B 426 -20.97 9.94 0.60
CA VAL B 426 -20.56 10.43 1.92
C VAL B 426 -19.75 9.34 2.60
N HIS B 427 -18.56 9.70 3.07
CA HIS B 427 -17.63 8.72 3.60
C HIS B 427 -18.06 8.26 4.98
N LEU B 428 -17.87 6.96 5.22
CA LEU B 428 -18.25 6.31 6.48
C LEU B 428 -17.05 6.12 7.36
N PHE B 429 -17.23 6.38 8.65
CA PHE B 429 -16.21 6.11 9.64
C PHE B 429 -16.34 4.69 10.18
N ASN B 430 -15.21 4.10 10.54
CA ASN B 430 -15.17 2.74 11.06
C ASN B 430 -15.61 2.78 12.53
N ASP B 431 -16.91 2.68 12.77
CA ASP B 431 -17.47 2.74 14.11
C ASP B 431 -18.75 1.94 14.14
N THR B 432 -19.34 1.86 15.34
CA THR B 432 -20.71 1.38 15.46
C THR B 432 -21.59 2.16 14.49
N VAL B 433 -22.50 1.45 13.81
CA VAL B 433 -23.42 2.11 12.90
C VAL B 433 -24.17 3.22 13.63
N ALA B 434 -24.54 2.98 14.89
CA ALA B 434 -25.24 3.99 15.68
C ALA B 434 -24.41 5.26 15.80
N ASN B 435 -23.15 5.12 16.20
CA ASN B 435 -22.31 6.30 16.34
C ASN B 435 -22.01 6.95 14.99
N ASN B 436 -21.92 6.16 13.92
CA ASN B 436 -21.82 6.74 12.58
C ASN B 436 -23.02 7.62 12.27
N ILE B 437 -24.21 7.20 12.69
CA ILE B 437 -25.41 8.01 12.45
C ILE B 437 -25.36 9.29 13.27
N ALA B 438 -25.04 9.18 14.56
CA ALA B 438 -24.84 10.36 15.41
C ALA B 438 -23.38 10.77 15.41
N TYR B 439 -22.75 10.73 14.24
CA TYR B 439 -21.35 11.11 14.13
C TYR B 439 -21.09 12.44 14.82
N ALA B 440 -20.03 12.49 15.61
CA ALA B 440 -19.56 13.70 16.28
C ALA B 440 -20.60 14.27 17.24
N ARG B 441 -21.67 13.53 17.53
CA ARG B 441 -22.63 13.91 18.55
C ARG B 441 -23.21 12.65 19.21
N THR B 442 -22.33 11.70 19.52
CA THR B 442 -22.78 10.46 20.14
C THR B 442 -23.40 10.72 21.50
N GLU B 443 -22.78 11.59 22.29
CA GLU B 443 -23.27 11.89 23.63
C GLU B 443 -24.66 12.53 23.60
N GLN B 444 -24.88 13.42 22.63
CA GLN B 444 -26.05 14.28 22.66
C GLN B 444 -27.34 13.52 22.37
N TYR B 445 -27.31 12.58 21.42
CA TYR B 445 -28.52 11.94 20.91
C TYR B 445 -28.75 10.60 21.60
N SER B 446 -29.92 10.47 22.21
CA SER B 446 -30.29 9.22 22.86
C SER B 446 -30.63 8.17 21.80
N ARG B 447 -30.18 6.93 22.04
CA ARG B 447 -30.31 5.91 21.01
C ARG B 447 -31.75 5.75 20.54
N GLU B 448 -32.72 6.04 21.40
CA GLU B 448 -34.11 6.00 20.96
C GLU B 448 -34.27 6.78 19.67
N GLN B 449 -33.78 8.03 19.65
CA GLN B 449 -33.78 8.82 18.42
C GLN B 449 -33.03 8.11 17.31
N ILE B 450 -31.80 7.66 17.58
CA ILE B 450 -30.96 7.09 16.54
C ILE B 450 -31.70 5.98 15.81
N GLU B 451 -32.29 5.05 16.57
CA GLU B 451 -33.05 3.96 15.96
C GLU B 451 -34.19 4.50 15.10
N GLU B 452 -34.86 5.54 15.57
CA GLU B 452 -35.95 6.12 14.77
C GLU B 452 -35.43 6.65 13.45
N ALA B 453 -34.42 7.51 13.49
CA ALA B 453 -33.92 8.13 12.27
C ALA B 453 -33.44 7.07 11.28
N ALA B 454 -32.79 6.01 11.77
CA ALA B 454 -32.42 4.91 10.90
C ALA B 454 -33.65 4.19 10.36
N ARG B 455 -34.71 4.11 11.17
CA ARG B 455 -35.97 3.51 10.73
C ARG B 455 -36.60 4.34 9.62
N MET B 456 -36.77 5.64 9.85
CA MET B 456 -37.48 6.48 8.89
C MET B 456 -36.79 6.45 7.53
N ALA B 457 -35.46 6.46 7.52
CA ALA B 457 -34.71 6.41 6.28
C ALA B 457 -34.68 5.01 5.68
N TYR B 458 -35.51 4.10 6.18
CA TYR B 458 -35.62 2.74 5.65
C TYR B 458 -34.28 2.04 5.61
N ALA B 459 -33.36 2.46 6.48
CA ALA B 459 -32.11 1.75 6.69
C ALA B 459 -32.29 0.54 7.60
N MET B 460 -33.35 0.54 8.42
CA MET B 460 -33.41 -0.40 9.53
C MET B 460 -33.56 -1.84 9.06
N ASP B 461 -34.33 -2.07 8.00
CA ASP B 461 -34.48 -3.44 7.49
C ASP B 461 -33.12 -4.04 7.16
N PHE B 462 -32.29 -3.31 6.41
CA PHE B 462 -30.97 -3.81 6.07
C PHE B 462 -30.11 -3.97 7.32
N ILE B 463 -30.27 -3.09 8.30
CA ILE B 463 -29.39 -3.09 9.47
C ILE B 463 -29.61 -4.35 10.30
N ASN B 464 -30.86 -4.68 10.59
CA ASN B 464 -31.14 -5.78 11.52
C ASN B 464 -30.60 -7.11 11.03
N LYS B 465 -30.30 -7.22 9.74
CA LYS B 465 -29.64 -8.43 9.24
C LYS B 465 -28.22 -8.57 9.78
N MET B 466 -27.62 -7.47 10.25
CA MET B 466 -26.27 -7.52 10.80
C MET B 466 -26.24 -8.32 12.09
N ASP B 467 -25.06 -8.87 12.39
CA ASP B 467 -24.91 -9.73 13.57
C ASP B 467 -25.04 -8.92 14.86
N ASN B 468 -24.38 -7.76 14.94
CA ASN B 468 -24.51 -6.90 16.11
C ASN B 468 -25.52 -5.79 15.89
N GLY B 469 -26.15 -5.72 14.72
CA GLY B 469 -27.13 -4.67 14.47
C GLY B 469 -26.47 -3.31 14.50
N LEU B 470 -27.17 -2.34 15.11
CA LEU B 470 -26.64 -0.98 15.20
C LEU B 470 -25.25 -0.96 15.82
N ASP B 471 -25.04 -1.74 16.87
CA ASP B 471 -23.75 -1.73 17.54
C ASP B 471 -22.70 -2.52 16.78
N THR B 472 -23.08 -3.29 15.77
CA THR B 472 -22.10 -3.82 14.84
C THR B 472 -21.36 -2.67 14.17
N VAL B 473 -20.06 -2.87 13.95
CA VAL B 473 -19.20 -1.83 13.38
C VAL B 473 -18.93 -2.15 11.91
N ILE B 474 -19.11 -1.15 11.07
CA ILE B 474 -18.66 -1.24 9.66
C ILE B 474 -17.24 -0.71 9.68
N GLY B 475 -16.31 -1.55 10.13
CA GLY B 475 -14.98 -1.09 10.48
C GLY B 475 -13.91 -2.14 10.28
N GLU B 476 -12.67 -1.70 10.44
CA GLU B 476 -11.49 -2.53 10.18
C GLU B 476 -11.54 -3.07 8.75
N ASN B 477 -11.84 -2.18 7.81
CA ASN B 477 -11.93 -2.52 6.39
C ASN B 477 -12.97 -3.60 6.11
N GLY B 478 -13.94 -3.76 7.01
CA GLY B 478 -15.00 -4.72 6.75
C GLY B 478 -15.77 -4.40 5.48
N VAL B 479 -16.24 -3.16 5.37
CA VAL B 479 -16.86 -2.67 4.14
C VAL B 479 -18.04 -3.55 3.77
N LEU B 480 -18.78 -4.03 4.77
CA LEU B 480 -19.97 -4.82 4.48
C LEU B 480 -20.97 -4.05 3.63
N LEU B 481 -21.03 -2.73 3.79
CA LEU B 481 -22.08 -1.94 3.15
C LEU B 481 -21.77 -1.68 1.69
N SER B 482 -22.82 -1.30 0.96
CA SER B 482 -22.75 -0.98 -0.45
C SER B 482 -23.26 0.45 -0.68
N GLY B 483 -23.00 0.96 -1.89
CA GLY B 483 -23.31 2.35 -2.19
C GLY B 483 -24.75 2.72 -1.85
N GLY B 484 -25.68 1.82 -2.13
CA GLY B 484 -27.07 2.06 -1.75
C GLY B 484 -27.25 2.14 -0.25
N GLN B 485 -26.64 1.18 0.47
CA GLN B 485 -26.83 1.12 1.92
C GLN B 485 -26.23 2.35 2.61
N ARG B 486 -25.05 2.79 2.15
CA ARG B 486 -24.42 3.97 2.73
C ARG B 486 -25.34 5.18 2.65
N GLN B 487 -25.92 5.42 1.48
CA GLN B 487 -26.74 6.60 1.28
C GLN B 487 -27.84 6.71 2.33
N ARG B 488 -28.48 5.60 2.65
CA ARG B 488 -29.57 5.63 3.63
C ARG B 488 -29.04 5.98 5.02
N ILE B 489 -27.78 5.66 5.32
CA ILE B 489 -27.17 6.14 6.56
C ILE B 489 -26.95 7.64 6.48
N ALA B 490 -26.51 8.13 5.31
CA ALA B 490 -26.31 9.57 5.15
C ALA B 490 -27.60 10.33 5.43
N ILE B 491 -28.74 9.84 4.91
CA ILE B 491 -30.02 10.42 5.27
C ILE B 491 -30.23 10.36 6.77
N ALA B 492 -30.14 9.16 7.34
CA ALA B 492 -30.31 8.97 8.79
C ALA B 492 -29.51 10.02 9.55
N ARG B 493 -28.23 10.14 9.22
CA ARG B 493 -27.37 11.15 9.81
C ARG B 493 -27.97 12.55 9.67
N ALA B 494 -28.27 12.97 8.43
CA ALA B 494 -28.84 14.29 8.21
C ALA B 494 -30.17 14.46 8.94
N LEU B 495 -31.00 13.42 8.92
CA LEU B 495 -32.28 13.47 9.61
C LEU B 495 -32.09 13.67 11.10
N LEU B 496 -31.41 12.72 11.74
CA LEU B 496 -31.23 12.76 13.18
C LEU B 496 -30.73 14.12 13.65
N ARG B 497 -29.71 14.64 12.97
CA ARG B 497 -29.19 15.96 13.33
C ARG B 497 -30.22 17.05 13.09
N ASP B 498 -31.14 16.84 12.15
CA ASP B 498 -32.24 17.77 11.91
C ASP B 498 -31.69 19.13 11.49
N SER B 499 -30.84 19.13 10.47
CA SER B 499 -30.19 20.36 10.06
C SER B 499 -31.18 21.26 9.32
N PRO B 500 -31.08 22.59 9.50
CA PRO B 500 -32.04 23.49 8.83
C PRO B 500 -31.95 23.50 7.32
N ILE B 501 -30.79 23.21 6.74
CA ILE B 501 -30.61 23.28 5.28
C ILE B 501 -30.09 21.94 4.79
N LEU B 502 -30.58 21.52 3.62
CA LEU B 502 -30.20 20.26 3.01
C LEU B 502 -29.50 20.53 1.69
N ILE B 503 -28.29 20.01 1.55
CA ILE B 503 -27.61 19.87 0.27
C ILE B 503 -27.59 18.39 -0.08
N LEU B 504 -28.27 18.03 -1.17
CA LEU B 504 -28.46 16.64 -1.56
C LEU B 504 -27.92 16.45 -2.97
N ASP B 505 -26.93 15.56 -3.10
CA ASP B 505 -26.25 15.30 -4.36
C ASP B 505 -26.69 13.96 -4.92
N GLU B 506 -27.25 13.97 -6.13
CA GLU B 506 -27.64 12.76 -6.83
C GLU B 506 -26.79 12.50 -8.08
N ALA B 507 -25.70 13.23 -8.26
CA ALA B 507 -24.89 13.07 -9.47
C ALA B 507 -24.18 11.72 -9.49
N THR B 508 -23.66 11.28 -8.34
CA THR B 508 -23.21 9.89 -8.23
C THR B 508 -24.35 8.99 -8.70
N SER B 509 -24.15 8.30 -9.83
CA SER B 509 -25.28 7.75 -10.58
C SER B 509 -26.13 6.83 -9.72
N ALA B 510 -25.52 5.80 -9.14
CA ALA B 510 -26.26 4.77 -8.41
C ALA B 510 -27.36 4.20 -9.30
N LEU B 511 -26.96 3.75 -10.49
CA LEU B 511 -27.90 3.47 -11.56
C LEU B 511 -28.41 2.03 -11.58
N ASP B 512 -27.83 1.13 -10.80
CA ASP B 512 -28.32 -0.24 -10.71
C ASP B 512 -28.71 -0.57 -9.27
N THR B 513 -29.68 0.18 -8.74
CA THR B 513 -30.08 0.03 -7.35
C THR B 513 -30.94 -1.21 -7.18
N GLU B 514 -31.01 -1.70 -5.94
CA GLU B 514 -31.87 -2.81 -5.58
C GLU B 514 -33.20 -2.34 -5.00
N SER B 515 -33.17 -1.59 -3.91
CA SER B 515 -34.36 -1.16 -3.19
C SER B 515 -34.41 0.37 -3.19
N GLU B 516 -34.70 0.96 -4.35
CA GLU B 516 -34.72 2.42 -4.45
C GLU B 516 -35.96 3.03 -3.81
N ARG B 517 -37.07 2.28 -3.75
CA ARG B 517 -38.29 2.84 -3.15
C ARG B 517 -38.01 3.39 -1.77
N ALA B 518 -37.32 2.60 -0.94
CA ALA B 518 -36.95 3.03 0.39
C ALA B 518 -36.25 4.39 0.37
N ILE B 519 -35.26 4.52 -0.50
CA ILE B 519 -34.50 5.77 -0.60
C ILE B 519 -35.42 6.93 -0.93
N GLN B 520 -36.30 6.74 -1.91
CA GLN B 520 -37.19 7.81 -2.34
C GLN B 520 -38.06 8.31 -1.20
N ALA B 521 -38.71 7.39 -0.49
CA ALA B 521 -39.57 7.78 0.63
C ALA B 521 -38.76 8.46 1.72
N ALA B 522 -37.58 7.92 2.02
CA ALA B 522 -36.68 8.59 2.96
C ALA B 522 -36.42 10.02 2.53
N LEU B 523 -36.01 10.21 1.27
CA LEU B 523 -35.63 11.54 0.81
C LEU B 523 -36.82 12.50 0.77
N ASP B 524 -38.02 12.01 0.45
CA ASP B 524 -39.19 12.87 0.53
C ASP B 524 -39.41 13.35 1.96
N GLU B 525 -39.38 12.41 2.91
CA GLU B 525 -39.42 12.78 4.33
C GLU B 525 -38.36 13.82 4.64
N LEU B 526 -37.13 13.58 4.19
CA LEU B 526 -36.03 14.49 4.46
C LEU B 526 -36.28 15.85 3.84
N GLN B 527 -36.68 15.88 2.57
CA GLN B 527 -36.91 17.15 1.87
C GLN B 527 -38.10 17.92 2.41
N LYS B 528 -39.01 17.26 3.13
CA LYS B 528 -40.24 17.92 3.54
C LYS B 528 -39.95 19.10 4.45
N ASN B 529 -40.60 20.23 4.15
CA ASN B 529 -40.57 21.43 5.00
C ASN B 529 -39.17 21.69 5.53
N ARG B 530 -38.21 21.62 4.62
CA ARG B 530 -36.80 21.75 4.96
C ARG B 530 -36.12 22.42 3.77
N THR B 531 -35.47 23.57 4.00
CA THR B 531 -34.72 24.20 2.94
C THR B 531 -33.85 23.14 2.28
N SER B 532 -34.16 22.78 1.04
CA SER B 532 -33.46 21.72 0.34
C SER B 532 -32.91 22.27 -0.97
N LEU B 533 -31.59 22.21 -1.12
CA LEU B 533 -30.92 22.52 -2.37
C LEU B 533 -30.39 21.22 -2.94
N VAL B 534 -30.76 20.90 -4.17
CA VAL B 534 -30.58 19.56 -4.71
C VAL B 534 -29.87 19.63 -6.05
N ILE B 535 -28.70 19.00 -6.13
CA ILE B 535 -28.08 18.60 -7.39
C ILE B 535 -28.80 17.32 -7.82
N ALA B 536 -29.81 17.44 -8.68
CA ALA B 536 -30.71 16.33 -8.97
C ALA B 536 -30.41 15.73 -10.34
N HIS B 537 -30.35 14.40 -10.37
CA HIS B 537 -30.40 13.61 -11.60
C HIS B 537 -31.65 12.76 -11.68
N ARG B 538 -32.48 12.75 -10.63
CA ARG B 538 -33.60 11.82 -10.52
C ARG B 538 -34.92 12.55 -10.73
N LEU B 539 -35.88 11.84 -11.32
CA LEU B 539 -37.10 12.50 -11.80
C LEU B 539 -38.06 12.83 -10.67
N SER B 540 -38.19 11.94 -9.68
CA SER B 540 -39.14 12.18 -8.60
C SER B 540 -38.79 13.46 -7.83
N THR B 541 -37.51 13.62 -7.48
CA THR B 541 -37.08 14.86 -6.84
C THR B 541 -37.38 16.06 -7.73
N ILE B 542 -37.11 15.93 -9.03
CA ILE B 542 -37.33 17.04 -9.97
C ILE B 542 -38.77 17.52 -9.90
N GLU B 543 -39.71 16.59 -10.11
CA GLU B 543 -41.11 16.98 -10.26
C GLU B 543 -41.64 17.68 -9.01
N LYS B 544 -41.28 17.18 -7.83
CA LYS B 544 -41.79 17.70 -6.56
C LYS B 544 -40.97 18.85 -5.99
N ALA B 545 -39.91 19.27 -6.67
CA ALA B 545 -39.21 20.47 -6.28
C ALA B 545 -40.07 21.70 -6.55
N ASP B 546 -39.93 22.71 -5.70
CA ASP B 546 -40.76 23.90 -5.84
C ASP B 546 -40.24 24.81 -6.94
N GLU B 547 -38.92 25.03 -7.01
CA GLU B 547 -38.33 25.80 -8.10
C GLU B 547 -37.20 25.01 -8.73
N ILE B 548 -37.17 25.02 -10.06
CA ILE B 548 -36.18 24.33 -10.87
C ILE B 548 -35.28 25.38 -11.50
N VAL B 549 -33.97 25.11 -11.51
CA VAL B 549 -33.02 26.02 -12.14
C VAL B 549 -32.02 25.23 -12.97
N VAL B 550 -31.84 25.67 -14.20
CA VAL B 550 -30.97 25.06 -15.19
C VAL B 550 -29.61 25.75 -15.13
N VAL B 551 -28.54 24.98 -15.29
CA VAL B 551 -27.18 25.53 -15.30
C VAL B 551 -26.47 25.01 -16.54
N GLU B 552 -26.06 25.94 -17.41
CA GLU B 552 -25.21 25.63 -18.56
C GLU B 552 -23.88 26.34 -18.36
N ASP B 553 -22.80 25.56 -18.33
CA ASP B 553 -21.49 26.08 -17.98
C ASP B 553 -21.61 26.90 -16.69
N GLY B 554 -21.28 28.19 -16.73
CA GLY B 554 -21.17 28.97 -15.51
C GLY B 554 -22.33 29.89 -15.17
N VAL B 555 -23.46 29.82 -15.88
CA VAL B 555 -24.55 30.77 -15.65
C VAL B 555 -25.90 30.07 -15.55
N ILE B 556 -26.80 30.70 -14.80
CA ILE B 556 -28.20 30.28 -14.71
C ILE B 556 -28.88 30.71 -16.01
N VAL B 557 -29.33 29.74 -16.82
CA VAL B 557 -30.02 30.10 -18.06
C VAL B 557 -31.49 30.41 -17.79
N GLU B 558 -32.19 29.55 -17.04
CA GLU B 558 -33.60 29.83 -16.75
C GLU B 558 -34.09 28.98 -15.57
N ARG B 559 -35.23 29.39 -15.02
CA ARG B 559 -35.85 28.72 -13.88
C ARG B 559 -37.36 28.59 -14.11
N GLY B 560 -37.98 27.61 -13.45
CA GLY B 560 -39.41 27.38 -13.64
C GLY B 560 -40.13 26.56 -12.58
N THR B 561 -41.27 27.08 -12.11
CA THR B 561 -42.11 26.41 -11.11
C THR B 561 -43.09 25.42 -11.73
N HIS B 562 -44.27 25.27 -11.12
CA HIS B 562 -45.19 24.21 -11.50
C HIS B 562 -45.69 24.40 -12.93
N ASN B 563 -46.45 25.48 -13.18
CA ASN B 563 -46.89 25.76 -14.54
C ASN B 563 -45.70 26.01 -15.46
N ASP B 564 -44.65 26.65 -14.93
CA ASP B 564 -43.46 26.90 -15.72
C ASP B 564 -42.82 25.57 -16.16
N LEU B 565 -42.85 24.55 -15.29
CA LEU B 565 -42.28 23.26 -15.64
C LEU B 565 -42.87 22.72 -16.93
N LEU B 566 -44.20 22.84 -17.09
CA LEU B 566 -44.88 22.20 -18.21
C LEU B 566 -44.26 22.59 -19.55
N GLU B 567 -43.83 23.85 -19.69
CA GLU B 567 -43.15 24.33 -20.89
C GLU B 567 -41.89 25.06 -20.44
N HIS B 568 -40.73 24.50 -20.76
CA HIS B 568 -39.45 25.05 -20.31
C HIS B 568 -39.02 26.19 -21.22
N ARG B 569 -38.81 27.36 -20.64
CA ARG B 569 -38.09 28.41 -21.34
C ARG B 569 -36.64 28.02 -21.56
N GLY B 570 -36.05 27.32 -20.59
CA GLY B 570 -34.73 26.74 -20.71
C GLY B 570 -34.76 25.38 -21.36
N VAL B 571 -33.65 24.65 -21.20
CA VAL B 571 -33.41 23.44 -21.97
C VAL B 571 -33.97 22.21 -21.26
N TYR B 572 -35.01 22.41 -20.44
CA TYR B 572 -35.62 21.27 -19.75
C TYR B 572 -36.09 20.20 -20.72
N ALA B 573 -36.67 20.62 -21.85
CA ALA B 573 -37.18 19.66 -22.82
C ALA B 573 -36.08 18.73 -23.31
N GLN B 574 -34.95 19.30 -23.74
CA GLN B 574 -33.83 18.49 -24.23
C GLN B 574 -33.31 17.58 -23.13
N LEU B 575 -33.13 18.13 -21.92
CA LEU B 575 -32.72 17.30 -20.80
C LEU B 575 -33.79 16.26 -20.47
N HIS B 576 -35.07 16.64 -20.50
CA HIS B 576 -36.13 15.69 -20.20
C HIS B 576 -36.10 14.51 -21.16
N LYS B 577 -35.84 14.77 -22.45
CA LYS B 577 -35.69 13.68 -23.40
C LYS B 577 -34.56 12.75 -22.99
N MET B 578 -33.43 13.32 -22.55
CA MET B 578 -32.33 12.51 -22.08
C MET B 578 -32.74 11.61 -20.91
N GLN B 579 -33.51 12.17 -19.96
CA GLN B 579 -33.95 11.42 -18.78
C GLN B 579 -35.47 11.26 -18.76
#